data_9DOO
#
_entry.id   9DOO
#
_cell.length_a   1.00
_cell.length_b   1.00
_cell.length_c   1.00
_cell.angle_alpha   90.00
_cell.angle_beta   90.00
_cell.angle_gamma   90.00
#
_symmetry.space_group_name_H-M   'P 1'
#
loop_
_entity.id
_entity.type
_entity.pdbx_description
1 polymer 'Lipopolysaccharide export system ATP-binding protein LptB'
2 polymer Permease
3 polymer 'Lipopolysaccharide export system permease protein LptF'
4 non-polymer 1,2-Distearoyl-sn-glycerophosphoethanolamine
#
loop_
_entity_poly.entity_id
_entity_poly.type
_entity_poly.pdbx_seq_one_letter_code
_entity_poly.pdbx_strand_id
1 'polypeptide(L)'
;MGSMATLKAQHLAKSYKGRQVVRDVSMSIDSGQIVGLLGPNGAGKTTCFYMIVGLVQADQGVVRIDEQNVTHLPMHGRAR
AGIGYLPQEASIFRKLSVSDNIMAILETRSDLDRNGRKEALEGLLQEFHIHHIRDNLGMSLSGGERRRVEIARALASAPK
FILLDEPFAGVDPISVGDIKQIIHHLKAKGIGILITDHNVRETLDICETAYIVNDGQLIAEGDAESILANDLVKEVYLGH
EFRLKLHHHHHH
;
B,A
2 'polypeptide(L)'
;MGSMVKLDRYIGVTVFVAILAVLGVILGLALLFAFIDELNDISASYGIGDALRFIFLTAPRRAYDMLPMAALIGCLVGLG
TLASNSELTIMRAAGVSLSRIVWAVMKPMLVLMLAGILVGEYVAPWTENIAQSGRALAQGGGDSQSSKRGLWHRQGREYI
HINAVQPNGVLYGVTRYRFDEQRGLESASFAKRARFETDHWQLEEVTTTLLHPREKRSEVVKLPTERWDAQLSPQLLNTV
VMEPEALSISGLWQYIHYLADQGLNNNRYWLAFWTKVLQPLVTAALVLMAISFIFGPLRSVTLGQRIFTGVLVGFVFRIA
QDLLGPSSLVFDFPPLLAVVIPASICALAGVWLLRRAG
;
G
3 'polypeptide(L)'
;MGSMIVFRYLSREVLVTMSAVSAVLLVIIMSGRFIKYLAQAAQGLLDPGSLFLIMAFRIPGFLQLILPLGLFLGILLAYG
RLYLESEMTVLSATGMSQKRLLGYTMAPALLVAILVAWLSLFLAPQGINQFALLLNKQDTLTEFDTLVPGRFQAMRDGTR
VTYTEELSKDRGELAGIFISQKDLNSSNQERGISILVAEKGTQNIQADGSRYLILHNGYRYDGNPGQANYRAIQYDTYGV
MLPKPEASSEVSERDAVPTADLFGSDNPRYQAELQWRLSTPLLVFVVTLLAVPLSRVNPRQGRFLKLLPAILLYMGYLAL
LIAVRGQLDKGKIPMAIGLWWVHGLFLAIGLLLFYWEPLRLKLASSRAGREVAHG
;
F
#
loop_
_chem_comp.id
_chem_comp.type
_chem_comp.name
_chem_comp.formula
3PE non-polymer 1,2-Distearoyl-sn-glycerophosphoethanolamine 'C41 H82 N O8 P'
#
# COMPACT_ATOMS: atom_id res chain seq x y z
N MET A 4 39.44 31.42 13.74
CA MET A 4 39.41 31.59 12.29
C MET A 4 39.62 30.27 11.57
N ALA A 5 38.55 29.49 11.44
CA ALA A 5 38.61 28.18 10.81
C ALA A 5 38.55 28.34 9.30
N THR A 6 38.38 27.23 8.59
CA THR A 6 38.29 27.26 7.13
C THR A 6 37.69 25.94 6.65
N LEU A 7 36.93 26.00 5.56
CA LEU A 7 36.42 24.83 4.88
C LEU A 7 37.12 24.72 3.53
N LYS A 8 37.64 23.54 3.22
CA LYS A 8 38.61 23.38 2.13
C LYS A 8 38.23 22.19 1.24
N ALA A 9 36.98 22.17 0.78
CA ALA A 9 36.59 21.18 -0.21
C ALA A 9 37.44 21.33 -1.46
N GLN A 10 38.30 20.35 -1.75
CA GLN A 10 39.28 20.47 -2.81
C GLN A 10 39.32 19.21 -3.66
N HIS A 11 39.45 19.40 -4.97
CA HIS A 11 39.61 18.32 -5.94
C HIS A 11 38.42 17.35 -5.89
N LEU A 12 37.22 17.89 -5.67
CA LEU A 12 36.03 17.04 -5.62
C LEU A 12 35.73 16.44 -6.98
N ALA A 13 35.08 15.28 -6.96
CA ALA A 13 34.67 14.61 -8.19
C ALA A 13 33.59 13.59 -7.86
N LYS A 14 32.66 13.41 -8.78
CA LYS A 14 31.58 12.45 -8.61
C LYS A 14 31.01 12.06 -9.97
N SER A 15 30.61 10.81 -10.10
CA SER A 15 30.06 10.28 -11.35
C SER A 15 28.73 9.58 -11.07
N TYR A 16 27.74 9.84 -11.92
CA TYR A 16 26.45 9.15 -11.86
C TYR A 16 26.30 8.32 -13.12
N LYS A 17 26.25 6.99 -12.95
CA LYS A 17 25.98 6.06 -14.04
C LYS A 17 26.94 6.25 -15.21
N GLY A 18 28.21 6.41 -14.88
CA GLY A 18 29.25 6.59 -15.89
C GLY A 18 29.64 8.01 -16.25
N ARG A 19 28.64 8.86 -16.46
CA ARG A 19 28.92 10.25 -16.82
C ARG A 19 29.52 11.00 -15.64
N GLN A 20 30.42 11.94 -15.94
CA GLN A 20 31.13 12.71 -14.93
C GLN A 20 30.32 13.97 -14.65
N VAL A 21 29.49 13.92 -13.60
CA VAL A 21 28.69 15.08 -13.23
C VAL A 21 29.59 16.20 -12.72
N VAL A 22 30.51 15.89 -11.81
CA VAL A 22 31.42 16.85 -11.22
C VAL A 22 32.84 16.34 -11.41
N ARG A 23 33.74 17.23 -11.81
CA ARG A 23 35.11 16.84 -12.11
C ARG A 23 36.06 17.96 -11.71
N ASP A 24 36.80 17.75 -10.62
CA ASP A 24 37.89 18.63 -10.20
C ASP A 24 37.40 20.07 -9.96
N VAL A 25 36.56 20.20 -8.93
CA VAL A 25 36.11 21.50 -8.44
C VAL A 25 36.72 21.71 -7.05
N SER A 26 37.23 22.92 -6.82
CA SER A 26 37.90 23.27 -5.56
C SER A 26 37.31 24.55 -5.01
N MET A 27 36.91 24.53 -3.75
CA MET A 27 36.30 25.69 -3.11
C MET A 27 36.97 25.94 -1.76
N SER A 28 36.66 27.08 -1.15
CA SER A 28 37.23 27.43 0.13
C SER A 28 36.41 28.53 0.79
N ILE A 29 36.01 28.30 2.04
CA ILE A 29 35.25 29.25 2.83
C ILE A 29 36.03 29.55 4.10
N ASP A 30 35.85 30.76 4.61
CA ASP A 30 36.51 31.20 5.83
C ASP A 30 35.45 31.50 6.89
N SER A 31 35.91 32.04 8.02
CA SER A 31 35.03 32.42 9.12
C SER A 31 34.73 33.90 8.98
N GLY A 32 33.46 34.26 9.01
CA GLY A 32 33.03 35.60 8.75
C GLY A 32 32.88 35.96 7.29
N GLN A 33 32.71 34.98 6.42
CA GLN A 33 32.70 35.18 4.99
C GLN A 33 31.47 34.53 4.39
N ILE A 34 30.84 35.21 3.44
CA ILE A 34 29.68 34.69 2.73
C ILE A 34 30.13 34.33 1.31
N VAL A 35 29.97 33.07 0.95
CA VAL A 35 30.40 32.56 -0.34
C VAL A 35 29.19 31.95 -1.04
N GLY A 36 28.97 32.31 -2.29
CA GLY A 36 27.84 31.84 -3.07
C GLY A 36 28.29 30.83 -4.12
N LEU A 37 27.49 29.79 -4.28
CA LEU A 37 27.74 28.75 -5.28
C LEU A 37 26.59 28.79 -6.29
N LEU A 38 26.90 29.20 -7.52
CA LEU A 38 25.91 29.38 -8.56
C LEU A 38 26.33 28.61 -9.81
N GLY A 39 25.36 28.42 -10.70
CA GLY A 39 25.63 27.78 -11.97
C GLY A 39 24.36 27.33 -12.68
N PRO A 40 24.50 26.83 -13.90
CA PRO A 40 23.35 26.29 -14.61
C PRO A 40 22.78 25.09 -13.88
N ASN A 41 21.48 24.86 -14.09
CA ASN A 41 20.77 23.84 -13.32
C ASN A 41 21.36 22.45 -13.56
N GLY A 42 21.72 22.14 -14.80
CA GLY A 42 22.26 20.83 -15.12
C GLY A 42 23.72 20.64 -14.77
N ALA A 43 24.38 21.67 -14.26
CA ALA A 43 25.78 21.58 -13.90
C ALA A 43 25.91 20.91 -12.53
N GLY A 44 27.11 20.96 -11.95
CA GLY A 44 27.36 20.28 -10.70
C GLY A 44 27.18 21.12 -9.46
N LYS A 45 26.44 22.22 -9.57
CA LYS A 45 26.28 23.12 -8.42
C LYS A 45 25.63 22.41 -7.24
N THR A 46 24.47 21.78 -7.49
CA THR A 46 23.77 21.08 -6.42
C THR A 46 24.57 19.89 -5.92
N THR A 47 25.22 19.16 -6.84
CA THR A 47 26.03 18.03 -6.43
C THR A 47 27.20 18.48 -5.55
N CYS A 48 27.87 19.57 -5.93
CA CYS A 48 28.97 20.07 -5.11
C CYS A 48 28.47 20.50 -3.74
N PHE A 49 27.33 21.18 -3.70
CA PHE A 49 26.78 21.60 -2.42
C PHE A 49 26.47 20.41 -1.54
N TYR A 50 25.90 19.34 -2.12
CA TYR A 50 25.54 18.19 -1.32
C TYR A 50 26.75 17.40 -0.86
N MET A 51 27.77 17.27 -1.70
CA MET A 51 29.00 16.60 -1.27
C MET A 51 29.72 17.40 -0.20
N ILE A 52 29.60 18.73 -0.21
CA ILE A 52 30.14 19.51 0.89
C ILE A 52 29.32 19.30 2.16
N VAL A 53 27.99 19.31 2.02
CA VAL A 53 27.12 19.13 3.19
C VAL A 53 27.31 17.74 3.79
N GLY A 54 27.34 16.72 2.93
CA GLY A 54 27.47 15.34 3.38
C GLY A 54 26.33 14.42 2.95
N LEU A 55 25.35 14.90 2.19
CA LEU A 55 24.26 14.04 1.74
C LEU A 55 24.62 13.19 0.53
N VAL A 56 25.73 13.49 -0.14
CA VAL A 56 26.19 12.72 -1.28
C VAL A 56 27.67 12.41 -1.07
N GLN A 57 28.04 11.15 -1.24
CA GLN A 57 29.42 10.71 -1.01
C GLN A 57 30.23 10.92 -2.27
N ALA A 58 31.31 11.71 -2.15
CA ALA A 58 32.17 11.99 -3.28
C ALA A 58 33.06 10.78 -3.60
N ASP A 59 33.53 10.73 -4.83
CA ASP A 59 34.43 9.67 -5.26
C ASP A 59 35.90 10.04 -5.11
N GLN A 60 36.25 11.30 -5.27
CA GLN A 60 37.63 11.76 -5.08
C GLN A 60 37.61 13.03 -4.25
N GLY A 61 38.80 13.49 -3.88
CA GLY A 61 38.94 14.74 -3.17
C GLY A 61 38.64 14.62 -1.69
N VAL A 62 39.03 15.65 -0.95
CA VAL A 62 38.89 15.67 0.50
C VAL A 62 38.21 16.97 0.92
N VAL A 63 37.26 16.86 1.83
CA VAL A 63 36.72 18.01 2.56
C VAL A 63 37.45 18.09 3.89
N ARG A 64 38.00 19.27 4.20
CA ARG A 64 38.93 19.37 5.31
C ARG A 64 38.63 20.66 6.07
N ILE A 65 37.92 20.53 7.19
CA ILE A 65 37.64 21.66 8.07
C ILE A 65 38.76 21.77 9.09
N ASP A 66 39.61 22.78 8.91
CA ASP A 66 40.65 23.13 9.89
C ASP A 66 41.55 21.94 10.20
N GLU A 67 42.05 21.29 9.14
CA GLU A 67 42.88 20.09 9.25
C GLU A 67 42.16 18.97 9.98
N GLN A 68 41.02 18.55 9.40
CA GLN A 68 40.22 17.47 9.97
C GLN A 68 39.43 16.86 8.81
N ASN A 69 39.89 15.71 8.32
CA ASN A 69 39.26 15.08 7.17
C ASN A 69 37.85 14.63 7.55
N VAL A 70 36.85 15.34 7.04
CA VAL A 70 35.47 14.99 7.28
C VAL A 70 34.82 14.37 6.03
N THR A 71 35.64 13.92 5.08
CA THR A 71 35.09 13.35 3.85
C THR A 71 34.32 12.07 4.12
N HIS A 72 34.85 11.20 4.96
CA HIS A 72 34.28 9.88 5.20
C HIS A 72 33.40 9.84 6.44
N LEU A 73 33.11 10.97 7.03
CA LEU A 73 32.26 11.02 8.21
C LEU A 73 30.79 11.06 7.81
N PRO A 74 29.91 10.47 8.60
CA PRO A 74 28.47 10.61 8.35
C PRO A 74 28.01 12.01 8.70
N MET A 75 26.76 12.32 8.36
CA MET A 75 26.31 13.68 8.57
C MET A 75 25.84 13.82 10.02
N HIS A 76 26.67 13.34 10.95
CA HIS A 76 26.59 13.75 12.34
C HIS A 76 27.96 13.84 12.98
N GLY A 77 29.02 13.56 12.23
CA GLY A 77 30.37 13.83 12.67
C GLY A 77 30.87 15.04 11.90
N ARG A 78 30.29 15.25 10.73
CA ARG A 78 30.47 16.53 10.04
C ARG A 78 29.85 17.67 10.84
N ALA A 79 28.66 17.44 11.39
CA ALA A 79 27.94 18.46 12.15
C ALA A 79 28.44 18.61 13.58
N ARG A 80 29.21 17.65 14.08
CA ARG A 80 29.87 17.78 15.37
C ARG A 80 31.22 18.47 15.27
N ALA A 81 31.73 18.67 14.06
CA ALA A 81 32.96 19.42 13.84
C ALA A 81 32.72 20.89 13.57
N GLY A 82 31.46 21.30 13.41
CA GLY A 82 31.15 22.70 13.23
C GLY A 82 30.57 23.06 11.88
N ILE A 83 29.82 22.13 11.28
CA ILE A 83 29.22 22.34 9.97
C ILE A 83 27.71 22.19 10.13
N GLY A 84 27.00 23.31 10.14
CA GLY A 84 25.55 23.28 10.19
C GLY A 84 24.96 23.04 8.82
N TYR A 85 23.63 23.01 8.78
CA TYR A 85 22.91 22.80 7.52
C TYR A 85 21.46 23.19 7.72
N LEU A 86 20.85 23.73 6.67
CA LEU A 86 19.47 24.21 6.72
C LEU A 86 18.76 23.83 5.43
N PRO A 87 17.88 22.84 5.45
CA PRO A 87 17.23 22.41 4.21
C PRO A 87 16.29 23.47 3.67
N GLN A 88 15.99 23.34 2.36
CA GLN A 88 15.20 24.35 1.67
C GLN A 88 13.78 24.41 2.21
N GLU A 89 13.12 23.27 2.33
CA GLU A 89 11.73 23.23 2.74
C GLU A 89 11.60 23.56 4.23
N ALA A 90 10.37 23.66 4.70
CA ALA A 90 10.12 23.90 6.11
C ALA A 90 10.56 22.71 6.92
N SER A 91 11.48 22.93 7.86
CA SER A 91 12.06 21.86 8.66
C SER A 91 11.92 22.17 10.15
N ILE A 92 10.77 22.69 10.53
CA ILE A 92 10.49 23.00 11.93
C ILE A 92 9.72 21.83 12.54
N PHE A 93 9.84 21.68 13.85
CA PHE A 93 9.10 20.64 14.56
C PHE A 93 7.66 21.09 14.70
N ARG A 94 6.75 20.45 13.96
CA ARG A 94 5.40 20.98 13.84
C ARG A 94 4.66 20.98 15.16
N LYS A 95 4.80 19.91 15.95
CA LYS A 95 4.05 19.76 17.19
C LYS A 95 4.89 20.10 18.42
N LEU A 96 5.83 21.04 18.29
CA LEU A 96 6.65 21.48 19.40
C LEU A 96 6.68 23.00 19.44
N SER A 97 6.77 23.54 20.65
CA SER A 97 6.84 24.99 20.82
C SER A 97 8.18 25.52 20.34
N VAL A 98 8.24 26.84 20.16
CA VAL A 98 9.48 27.49 19.73
C VAL A 98 10.56 27.31 20.79
N SER A 99 10.21 27.56 22.05
CA SER A 99 11.16 27.31 23.14
C SER A 99 11.64 25.88 23.11
N ASP A 100 10.74 24.93 22.88
CA ASP A 100 11.13 23.54 22.75
C ASP A 100 11.93 23.27 21.49
N ASN A 101 11.66 23.97 20.38
CA ASN A 101 12.48 23.82 19.19
C ASN A 101 13.94 24.16 19.48
N ILE A 102 14.17 25.25 20.20
CA ILE A 102 15.55 25.59 20.55
C ILE A 102 16.13 24.68 21.63
N MET A 103 15.33 24.32 22.65
CA MET A 103 15.87 23.56 23.77
C MET A 103 16.14 22.11 23.42
N ALA A 104 15.39 21.53 22.46
CA ALA A 104 15.65 20.16 22.05
C ALA A 104 17.02 20.01 21.42
N ILE A 105 17.65 21.11 20.99
CA ILE A 105 18.98 21.07 20.42
C ILE A 105 19.98 21.59 21.44
N LEU A 106 19.55 22.52 22.29
CA LEU A 106 20.43 22.98 23.37
C LEU A 106 20.73 21.87 24.36
N GLU A 107 19.82 20.90 24.51
CA GLU A 107 20.02 19.83 25.49
C GLU A 107 21.08 18.83 25.04
N THR A 108 21.43 18.81 23.75
CA THR A 108 22.49 17.94 23.27
C THR A 108 23.88 18.50 23.55
N ARG A 109 23.98 19.77 23.93
CA ARG A 109 25.28 20.37 24.22
C ARG A 109 25.85 19.80 25.50
N SER A 110 27.11 19.35 25.43
CA SER A 110 27.82 18.86 26.60
C SER A 110 28.70 19.91 27.24
N ASP A 111 28.67 21.14 26.73
CA ASP A 111 29.46 22.24 27.25
C ASP A 111 28.66 23.15 28.17
N LEU A 112 27.38 22.85 28.41
CA LEU A 112 26.51 23.70 29.19
C LEU A 112 25.87 22.91 30.33
N ASP A 113 25.45 23.65 31.34
CA ASP A 113 24.69 23.12 32.47
C ASP A 113 23.25 23.61 32.36
N ARG A 114 22.44 23.31 33.37
CA ARG A 114 21.04 23.73 33.35
C ARG A 114 20.93 25.25 33.25
N ASN A 115 21.66 25.96 34.11
CA ASN A 115 21.65 27.42 34.06
C ASN A 115 22.23 27.92 32.75
N GLY A 116 23.31 27.31 32.28
CA GLY A 116 23.90 27.71 31.02
C GLY A 116 22.94 27.51 29.85
N ARG A 117 22.25 26.38 29.83
CA ARG A 117 21.27 26.13 28.77
C ARG A 117 20.12 27.14 28.84
N LYS A 118 19.65 27.46 30.04
CA LYS A 118 18.56 28.42 30.18
C LYS A 118 18.98 29.80 29.70
N GLU A 119 20.18 30.24 30.08
CA GLU A 119 20.65 31.55 29.63
C GLU A 119 20.87 31.59 28.13
N ALA A 120 21.42 30.50 27.56
CA ALA A 120 21.59 30.46 26.11
C ALA A 120 20.25 30.50 25.39
N LEU A 121 19.25 29.79 25.92
CA LEU A 121 17.92 29.84 25.34
C LEU A 121 17.35 31.25 25.38
N GLU A 122 17.50 31.93 26.52
CA GLU A 122 16.99 33.31 26.61
C GLU A 122 17.72 34.22 25.63
N GLY A 123 19.04 34.06 25.51
CA GLY A 123 19.80 34.89 24.59
C GLY A 123 19.38 34.68 23.14
N LEU A 124 19.25 33.43 22.72
CA LEU A 124 18.80 33.15 21.36
C LEU A 124 17.36 33.57 21.13
N LEU A 125 16.53 33.54 22.17
CA LEU A 125 15.14 33.93 22.03
C LEU A 125 14.95 35.43 21.95
N GLN A 126 15.81 36.20 22.62
CA GLN A 126 15.73 37.66 22.56
C GLN A 126 16.54 38.25 21.41
N GLU A 127 17.54 37.53 20.91
CA GLU A 127 18.39 38.06 19.84
C GLU A 127 17.67 38.11 18.50
N PHE A 128 16.83 37.11 18.21
CA PHE A 128 16.14 37.03 16.94
C PHE A 128 14.72 37.58 17.01
N HIS A 129 14.37 38.26 18.10
CA HIS A 129 13.08 38.94 18.25
C HIS A 129 11.92 37.97 18.09
N ILE A 130 12.08 36.75 18.61
CA ILE A 130 11.02 35.76 18.65
C ILE A 130 10.61 35.45 20.08
N HIS A 131 10.90 36.36 21.01
CA HIS A 131 10.57 36.13 22.42
C HIS A 131 9.07 36.14 22.66
N HIS A 132 8.31 36.83 21.81
CA HIS A 132 6.87 36.92 22.00
C HIS A 132 6.11 35.73 21.44
N ILE A 133 6.78 34.84 20.71
CA ILE A 133 6.12 33.66 20.16
C ILE A 133 6.77 32.41 20.74
N ARG A 134 7.25 32.51 21.98
CA ARG A 134 7.98 31.41 22.59
C ARG A 134 7.10 30.24 22.98
N ASP A 135 5.77 30.39 22.92
CA ASP A 135 4.86 29.33 23.33
C ASP A 135 3.96 28.84 22.20
N ASN A 136 4.07 29.42 21.01
CA ASN A 136 3.25 28.99 19.88
C ASN A 136 3.81 27.71 19.29
N LEU A 137 2.91 26.81 18.89
CA LEU A 137 3.33 25.57 18.26
C LEU A 137 3.99 25.85 16.91
N GLY A 138 4.91 24.96 16.51
CA GLY A 138 5.63 25.15 15.27
C GLY A 138 4.76 25.12 14.03
N MET A 139 3.59 24.48 14.11
CA MET A 139 2.69 24.41 12.96
C MET A 139 1.86 25.67 12.76
N SER A 140 1.90 26.60 13.71
CA SER A 140 1.12 27.84 13.63
C SER A 140 2.02 29.07 13.57
N LEU A 141 3.09 28.98 12.78
CA LEU A 141 4.01 30.10 12.58
C LEU A 141 3.98 30.52 11.12
N SER A 142 4.05 31.83 10.89
CA SER A 142 4.02 32.36 9.55
C SER A 142 5.29 31.99 8.79
N GLY A 143 5.35 32.38 7.53
CA GLY A 143 6.52 32.08 6.71
C GLY A 143 7.76 32.83 7.11
N GLY A 144 7.62 33.94 7.82
CA GLY A 144 8.77 34.75 8.20
C GLY A 144 9.36 34.33 9.54
N GLU A 145 8.52 34.14 10.55
CA GLU A 145 9.00 33.71 11.86
C GLU A 145 9.52 32.29 11.83
N ARG A 146 9.03 31.46 10.90
CA ARG A 146 9.50 30.08 10.80
C ARG A 146 10.99 30.04 10.49
N ARG A 147 11.45 30.89 9.57
CA ARG A 147 12.86 30.88 9.21
C ARG A 147 13.72 31.40 10.35
N ARG A 148 13.24 32.40 11.09
CA ARG A 148 13.97 32.88 12.25
C ARG A 148 14.11 31.78 13.31
N VAL A 149 13.01 31.05 13.55
CA VAL A 149 13.08 29.95 14.52
C VAL A 149 14.05 28.87 14.06
N GLU A 150 14.01 28.53 12.77
CA GLU A 150 14.90 27.51 12.25
C GLU A 150 16.36 27.92 12.37
N ILE A 151 16.67 29.19 12.09
CA ILE A 151 18.05 29.64 12.15
C ILE A 151 18.53 29.74 13.60
N ALA A 152 17.65 30.17 14.51
CA ALA A 152 18.02 30.14 15.92
C ALA A 152 18.27 28.71 16.41
N ARG A 153 17.44 27.77 15.98
CA ARG A 153 17.65 26.37 16.33
C ARG A 153 18.98 25.86 15.79
N ALA A 154 19.31 26.22 14.55
CA ALA A 154 20.58 25.81 13.97
C ALA A 154 21.77 26.40 14.72
N LEU A 155 21.67 27.67 15.12
CA LEU A 155 22.73 28.28 15.91
C LEU A 155 22.83 27.68 17.31
N ALA A 156 21.74 27.12 17.83
CA ALA A 156 21.79 26.53 19.17
C ALA A 156 22.83 25.42 19.29
N SER A 157 23.22 24.81 18.18
CA SER A 157 24.25 23.79 18.17
C SER A 157 25.66 24.37 18.08
N ALA A 158 25.79 25.69 18.00
CA ALA A 158 27.07 26.40 17.92
C ALA A 158 27.95 25.86 16.79
N PRO A 159 27.60 26.13 15.53
CA PRO A 159 28.44 25.69 14.42
C PRO A 159 29.45 26.77 14.03
N LYS A 160 30.40 26.37 13.19
CA LYS A 160 31.32 27.31 12.57
C LYS A 160 30.92 27.68 11.14
N PHE A 161 30.15 26.83 10.47
CA PHE A 161 29.70 27.10 9.11
C PHE A 161 28.26 26.64 8.97
N ILE A 162 27.40 27.54 8.50
CA ILE A 162 26.01 27.20 8.18
C ILE A 162 25.86 27.23 6.67
N LEU A 163 25.44 26.11 6.10
CA LEU A 163 25.31 25.97 4.64
C LEU A 163 23.84 26.06 4.29
N LEU A 164 23.36 27.28 4.04
CA LEU A 164 21.98 27.49 3.64
C LEU A 164 21.75 26.92 2.25
N ASP A 165 20.54 26.39 2.03
CA ASP A 165 20.15 25.81 0.75
C ASP A 165 18.90 26.53 0.27
N GLU A 166 19.03 27.28 -0.83
CA GLU A 166 17.92 28.01 -1.44
C GLU A 166 17.20 28.89 -0.44
N PRO A 167 17.85 29.88 0.14
CA PRO A 167 17.13 30.74 1.10
C PRO A 167 16.11 31.64 0.43
N PHE A 168 16.43 32.20 -0.72
CA PHE A 168 15.52 33.08 -1.46
C PHE A 168 14.72 32.21 -2.43
N ALA A 169 13.84 31.38 -1.87
CA ALA A 169 13.07 30.43 -2.66
C ALA A 169 11.59 30.67 -2.41
N GLY A 170 10.91 31.20 -3.41
CA GLY A 170 9.47 31.45 -3.29
C GLY A 170 9.11 32.42 -2.20
N VAL A 171 9.86 33.52 -2.08
CA VAL A 171 9.62 34.53 -1.05
C VAL A 171 9.40 35.88 -1.75
N ASP A 172 8.59 36.72 -1.12
CA ASP A 172 8.26 38.01 -1.70
C ASP A 172 9.48 38.93 -1.67
N PRO A 173 9.51 39.95 -2.54
CA PRO A 173 10.63 40.90 -2.49
C PRO A 173 10.77 41.61 -1.16
N ILE A 174 9.68 41.76 -0.41
CA ILE A 174 9.77 42.36 0.92
C ILE A 174 10.34 41.38 1.94
N SER A 175 10.24 40.07 1.68
CA SER A 175 10.74 39.09 2.63
C SER A 175 12.26 38.99 2.62
N VAL A 176 12.87 39.10 1.44
CA VAL A 176 14.32 38.94 1.34
C VAL A 176 15.06 40.01 2.13
N GLY A 177 14.43 41.16 2.37
CA GLY A 177 15.07 42.19 3.17
C GLY A 177 15.31 41.75 4.60
N ASP A 178 14.58 40.74 5.06
CA ASP A 178 14.77 40.19 6.40
C ASP A 178 15.74 39.01 6.41
N ILE A 179 15.67 38.14 5.39
CA ILE A 179 16.64 37.06 5.28
C ILE A 179 18.04 37.62 5.14
N LYS A 180 18.18 38.73 4.42
CA LYS A 180 19.47 39.39 4.33
C LYS A 180 19.96 39.91 5.68
N GLN A 181 19.08 40.48 6.50
CA GLN A 181 19.50 40.90 7.83
C GLN A 181 19.92 39.71 8.69
N ILE A 182 19.20 38.60 8.58
CA ILE A 182 19.57 37.41 9.36
C ILE A 182 20.95 36.89 8.92
N ILE A 183 21.18 36.86 7.60
CA ILE A 183 22.49 36.41 7.11
C ILE A 183 23.59 37.36 7.54
N HIS A 184 23.30 38.67 7.57
CA HIS A 184 24.30 39.62 8.04
C HIS A 184 24.59 39.43 9.52
N HIS A 185 23.58 39.13 10.33
CA HIS A 185 23.82 38.81 11.73
C HIS A 185 24.68 37.56 11.87
N LEU A 186 24.40 36.53 11.08
CA LEU A 186 25.21 35.31 11.14
C LEU A 186 26.66 35.60 10.77
N LYS A 187 26.88 36.44 9.75
CA LYS A 187 28.24 36.82 9.40
C LYS A 187 28.90 37.61 10.53
N ALA A 188 28.14 38.49 11.17
CA ALA A 188 28.69 39.29 12.27
C ALA A 188 29.11 38.40 13.43
N LYS A 189 28.34 37.36 13.73
CA LYS A 189 28.68 36.48 14.85
C LYS A 189 30.00 35.77 14.62
N GLY A 190 30.29 35.40 13.37
CA GLY A 190 31.54 34.73 13.05
C GLY A 190 31.34 33.50 12.19
N ILE A 191 30.08 33.11 12.00
CA ILE A 191 29.78 31.95 11.18
C ILE A 191 29.98 32.29 9.71
N GLY A 192 30.65 31.39 8.98
CA GLY A 192 30.77 31.51 7.54
C GLY A 192 29.60 30.81 6.88
N ILE A 193 29.03 31.45 5.86
CA ILE A 193 27.81 30.99 5.22
C ILE A 193 28.10 30.65 3.76
N LEU A 194 27.59 29.51 3.31
CA LEU A 194 27.67 29.11 1.91
C LEU A 194 26.24 29.02 1.37
N ILE A 195 25.96 29.76 0.32
CA ILE A 195 24.61 29.91 -0.22
C ILE A 195 24.60 29.42 -1.66
N THR A 196 23.65 28.53 -1.97
CA THR A 196 23.34 28.17 -3.35
C THR A 196 21.89 28.53 -3.61
N ASP A 197 21.64 29.14 -4.77
CA ASP A 197 20.30 29.58 -5.11
C ASP A 197 20.18 29.70 -6.61
N HIS A 198 18.94 29.65 -7.09
CA HIS A 198 18.64 29.85 -8.50
C HIS A 198 18.40 31.32 -8.85
N ASN A 199 18.33 32.20 -7.84
CA ASN A 199 18.06 33.60 -8.07
C ASN A 199 19.38 34.35 -8.02
N VAL A 200 19.92 34.68 -9.19
CA VAL A 200 21.29 35.15 -9.30
C VAL A 200 21.45 36.54 -8.71
N ARG A 201 20.48 37.43 -8.94
CA ARG A 201 20.64 38.82 -8.52
C ARG A 201 20.81 38.94 -7.02
N GLU A 202 19.88 38.35 -6.26
CA GLU A 202 19.92 38.49 -4.81
C GLU A 202 21.16 37.83 -4.21
N THR A 203 21.49 36.63 -4.68
CA THR A 203 22.66 35.93 -4.16
C THR A 203 23.94 36.69 -4.47
N LEU A 204 24.09 37.17 -5.71
CA LEU A 204 25.27 37.95 -6.06
C LEU A 204 25.33 39.25 -5.27
N ASP A 205 24.20 39.82 -4.87
CA ASP A 205 24.23 41.01 -4.05
C ASP A 205 24.69 40.69 -2.63
N ILE A 206 24.14 39.64 -2.02
CA ILE A 206 24.41 39.39 -0.61
C ILE A 206 25.83 38.83 -0.41
N CYS A 207 26.27 37.94 -1.29
CA CYS A 207 27.52 37.24 -1.07
C CYS A 207 28.72 38.17 -1.29
N GLU A 208 29.91 37.62 -1.02
CA GLU A 208 31.16 38.34 -1.17
C GLU A 208 32.12 37.70 -2.16
N THR A 209 31.99 36.41 -2.44
CA THR A 209 32.86 35.72 -3.38
C THR A 209 32.10 34.52 -3.92
N ALA A 210 31.74 34.57 -5.20
CA ALA A 210 30.87 33.57 -5.80
C ALA A 210 31.67 32.62 -6.68
N TYR A 211 31.32 31.34 -6.60
CA TYR A 211 31.91 30.30 -7.45
C TYR A 211 30.86 29.84 -8.45
N ILE A 212 31.18 29.98 -9.74
CA ILE A 212 30.28 29.54 -10.79
C ILE A 212 30.72 28.17 -11.26
N VAL A 213 29.82 27.19 -11.21
CA VAL A 213 30.11 25.82 -11.61
C VAL A 213 29.32 25.52 -12.87
N ASN A 214 30.04 25.14 -13.93
CA ASN A 214 29.43 24.72 -15.18
C ASN A 214 30.15 23.48 -15.70
N ASP A 215 29.37 22.47 -16.10
CA ASP A 215 29.92 21.22 -16.63
C ASP A 215 30.89 20.59 -15.64
N GLY A 216 30.58 20.67 -14.36
CA GLY A 216 31.42 20.11 -13.32
C GLY A 216 32.51 21.06 -12.86
N GLN A 217 33.37 21.49 -13.77
CA GLN A 217 34.51 22.31 -13.40
C GLN A 217 34.06 23.74 -13.08
N LEU A 218 34.88 24.43 -12.29
CA LEU A 218 34.70 25.86 -12.10
C LEU A 218 34.99 26.60 -13.40
N ILE A 219 34.21 27.64 -13.66
CA ILE A 219 34.47 28.51 -14.81
C ILE A 219 34.85 29.92 -14.41
N ALA A 220 34.50 30.38 -13.21
CA ALA A 220 34.88 31.71 -12.76
C ALA A 220 34.75 31.77 -11.25
N GLU A 221 35.46 32.73 -10.65
CA GLU A 221 35.37 32.99 -9.23
C GLU A 221 35.72 34.45 -8.99
N GLY A 222 35.28 34.97 -7.84
CA GLY A 222 35.52 36.34 -7.48
C GLY A 222 34.25 37.00 -7.02
N ASP A 223 34.33 38.32 -6.80
CA ASP A 223 33.21 39.08 -6.28
C ASP A 223 32.17 39.31 -7.39
N ALA A 224 31.15 40.11 -7.10
CA ALA A 224 30.07 40.32 -8.05
C ALA A 224 30.54 41.06 -9.30
N GLU A 225 31.42 42.06 -9.13
CA GLU A 225 31.86 42.85 -10.27
C GLU A 225 32.67 42.00 -11.25
N SER A 226 33.56 41.14 -10.74
CA SER A 226 34.37 40.32 -11.62
C SER A 226 33.59 39.15 -12.20
N ILE A 227 32.44 38.81 -11.62
CA ILE A 227 31.62 37.75 -12.18
C ILE A 227 30.66 38.30 -13.24
N LEU A 228 30.13 39.49 -13.04
CA LEU A 228 29.19 40.10 -13.96
C LEU A 228 29.86 40.62 -15.23
N ALA A 229 31.20 40.63 -15.29
CA ALA A 229 31.92 41.15 -16.44
C ALA A 229 32.84 40.11 -17.06
N ASN A 230 32.50 38.83 -16.93
CA ASN A 230 33.31 37.75 -17.49
C ASN A 230 32.61 37.20 -18.72
N ASP A 231 33.38 37.02 -19.79
CA ASP A 231 32.79 36.62 -21.07
C ASP A 231 32.20 35.23 -21.02
N LEU A 232 32.87 34.29 -20.36
CA LEU A 232 32.44 32.90 -20.41
C LEU A 232 31.13 32.69 -19.66
N VAL A 233 31.02 33.26 -18.46
CA VAL A 233 29.78 33.15 -17.70
C VAL A 233 28.64 33.92 -18.36
N LYS A 234 28.94 35.03 -19.03
CA LYS A 234 27.96 35.76 -19.79
C LYS A 234 27.61 35.08 -21.10
N GLU A 235 28.37 34.06 -21.48
CA GLU A 235 28.08 33.32 -22.70
C GLU A 235 27.28 32.07 -22.37
N VAL A 236 27.53 31.46 -21.22
CA VAL A 236 26.93 30.18 -20.89
C VAL A 236 25.90 30.27 -19.76
N TYR A 237 25.99 31.27 -18.88
CA TYR A 237 25.08 31.34 -17.74
C TYR A 237 24.18 32.55 -17.77
N LEU A 238 24.72 33.76 -17.82
CA LEU A 238 23.92 34.97 -17.61
C LEU A 238 23.40 35.59 -18.90
N GLY A 239 23.80 35.09 -20.06
CA GLY A 239 23.38 35.73 -21.29
C GLY A 239 24.09 37.07 -21.49
N HIS A 240 23.67 37.76 -22.54
CA HIS A 240 24.28 39.02 -22.93
C HIS A 240 23.48 40.24 -22.52
N GLU A 241 22.40 40.08 -21.76
CA GLU A 241 21.56 41.19 -21.35
C GLU A 241 21.36 41.26 -19.84
N PHE A 242 22.11 40.48 -19.06
CA PHE A 242 21.96 40.49 -17.61
C PHE A 242 22.60 41.73 -17.02
N ARG A 243 21.78 42.60 -16.43
CA ARG A 243 22.25 43.85 -15.83
C ARG A 243 23.01 44.71 -16.83
N ALA B 5 -12.35 38.93 -28.99
CA ALA B 5 -12.75 38.09 -27.87
C ALA B 5 -12.27 38.67 -26.55
N THR B 6 -12.99 38.41 -25.47
CA THR B 6 -12.64 38.94 -24.16
C THR B 6 -12.98 37.90 -23.10
N LEU B 7 -12.07 37.72 -22.14
CA LEU B 7 -12.27 36.80 -21.02
C LEU B 7 -12.49 37.63 -19.77
N LYS B 8 -13.75 37.86 -19.43
CA LYS B 8 -14.11 38.68 -18.28
C LYS B 8 -14.42 37.76 -17.10
N ALA B 9 -13.55 37.79 -16.11
CA ALA B 9 -13.87 37.20 -14.81
C ALA B 9 -14.40 38.31 -13.91
N GLN B 10 -15.66 38.20 -13.51
CA GLN B 10 -16.35 39.29 -12.82
C GLN B 10 -16.77 38.86 -11.42
N HIS B 11 -16.42 39.67 -10.43
CA HIS B 11 -16.88 39.51 -9.05
C HIS B 11 -16.61 38.10 -8.51
N LEU B 12 -15.42 37.60 -8.79
CA LEU B 12 -15.03 36.29 -8.28
C LEU B 12 -14.94 36.31 -6.76
N ALA B 13 -15.24 35.16 -6.14
CA ALA B 13 -15.15 35.02 -4.70
C ALA B 13 -15.12 33.54 -4.37
N LYS B 14 -14.37 33.20 -3.31
CA LYS B 14 -14.22 31.81 -2.90
C LYS B 14 -13.89 31.77 -1.42
N SER B 15 -14.58 30.91 -0.68
CA SER B 15 -14.33 30.73 0.75
C SER B 15 -13.79 29.33 0.99
N TYR B 16 -12.60 29.23 1.57
CA TYR B 16 -12.05 27.96 1.99
C TYR B 16 -12.69 27.53 3.31
N LYS B 17 -12.07 26.57 3.99
CA LYS B 17 -12.63 26.03 5.22
C LYS B 17 -12.56 27.11 6.29
N GLY B 18 -13.71 27.76 6.53
CA GLY B 18 -13.79 28.81 7.52
C GLY B 18 -13.52 30.20 6.96
N ARG B 19 -12.27 30.47 6.58
CA ARG B 19 -11.91 31.79 6.12
C ARG B 19 -12.23 31.97 4.63
N GLN B 20 -12.28 33.23 4.20
CA GLN B 20 -12.57 33.58 2.82
C GLN B 20 -11.31 34.20 2.21
N VAL B 21 -10.79 33.56 1.16
CA VAL B 21 -9.49 33.95 0.62
C VAL B 21 -9.58 34.90 -0.57
N VAL B 22 -10.74 34.96 -1.24
CA VAL B 22 -10.91 35.82 -2.41
C VAL B 22 -12.21 36.61 -2.23
N ARG B 23 -12.17 37.92 -2.50
CA ARG B 23 -13.32 38.79 -2.28
C ARG B 23 -13.37 39.84 -3.39
N ASP B 24 -14.30 39.67 -4.33
CA ASP B 24 -14.59 40.66 -5.36
C ASP B 24 -13.35 40.99 -6.20
N VAL B 25 -12.87 39.97 -6.90
CA VAL B 25 -11.78 40.12 -7.86
C VAL B 25 -12.38 40.16 -9.26
N SER B 26 -12.03 41.19 -10.02
CA SER B 26 -12.59 41.40 -11.36
C SER B 26 -11.46 41.70 -12.33
N MET B 27 -11.12 40.73 -13.17
CA MET B 27 -10.13 40.90 -14.21
C MET B 27 -10.80 40.98 -15.57
N SER B 28 -10.00 41.29 -16.59
CA SER B 28 -10.50 41.40 -17.96
C SER B 28 -9.32 41.22 -18.90
N ILE B 29 -9.34 40.12 -19.65
CA ILE B 29 -8.28 39.82 -20.61
C ILE B 29 -8.84 39.97 -22.01
N ASP B 30 -8.06 40.60 -22.89
CA ASP B 30 -8.49 40.78 -24.28
C ASP B 30 -7.62 39.89 -25.17
N SER B 31 -7.81 39.93 -26.48
CA SER B 31 -7.04 39.11 -27.40
C SER B 31 -5.81 39.87 -27.85
N GLY B 32 -4.68 39.17 -27.92
CA GLY B 32 -3.42 39.81 -28.25
C GLY B 32 -2.95 40.77 -27.19
N GLN B 33 -3.11 40.42 -25.92
CA GLN B 33 -2.73 41.28 -24.80
C GLN B 33 -2.20 40.41 -23.68
N ILE B 34 -0.93 40.59 -23.34
CA ILE B 34 -0.32 39.83 -22.25
C ILE B 34 -0.70 40.48 -20.93
N VAL B 35 -1.27 39.70 -20.03
CA VAL B 35 -1.73 40.18 -18.74
C VAL B 35 -1.07 39.35 -17.65
N GLY B 36 -0.51 40.01 -16.64
CA GLY B 36 0.13 39.33 -15.53
C GLY B 36 -0.73 39.38 -14.28
N LEU B 37 -0.69 38.29 -13.52
CA LEU B 37 -1.44 38.17 -12.28
C LEU B 37 -0.43 37.94 -11.15
N LEU B 38 -0.29 38.93 -10.27
CA LEU B 38 0.78 38.97 -9.29
C LEU B 38 0.21 39.28 -7.92
N GLY B 39 0.99 38.96 -6.88
CA GLY B 39 0.61 39.24 -5.53
C GLY B 39 1.37 38.38 -4.54
N PRO B 40 1.23 38.70 -3.25
CA PRO B 40 1.90 37.88 -2.22
C PRO B 40 1.39 36.44 -2.25
N ASN B 41 2.29 35.52 -1.87
CA ASN B 41 1.97 34.11 -1.95
C ASN B 41 0.79 33.75 -1.05
N GLY B 42 0.75 34.31 0.16
CA GLY B 42 -0.32 33.99 1.08
C GLY B 42 -1.69 34.43 0.60
N ALA B 43 -1.75 35.60 -0.05
CA ALA B 43 -3.01 36.14 -0.53
C ALA B 43 -3.57 35.24 -1.64
N GLY B 44 -4.78 35.58 -2.09
CA GLY B 44 -5.39 34.78 -3.13
C GLY B 44 -5.03 35.26 -4.51
N LYS B 45 -4.01 34.64 -5.09
CA LYS B 45 -3.59 34.88 -6.47
C LYS B 45 -3.66 33.61 -7.30
N THR B 46 -3.03 32.54 -6.84
CA THR B 46 -3.18 31.25 -7.50
C THR B 46 -4.61 30.76 -7.44
N THR B 47 -5.35 31.13 -6.38
CA THR B 47 -6.75 30.75 -6.30
C THR B 47 -7.56 31.42 -7.41
N CYS B 48 -7.36 32.72 -7.63
CA CYS B 48 -8.04 33.39 -8.74
C CYS B 48 -7.63 32.80 -10.08
N PHE B 49 -6.34 32.52 -10.24
CA PHE B 49 -5.86 31.93 -11.49
C PHE B 49 -6.53 30.59 -11.76
N TYR B 50 -6.63 29.74 -10.73
CA TYR B 50 -7.24 28.43 -10.90
C TYR B 50 -8.75 28.55 -11.12
N MET B 51 -9.39 29.51 -10.45
CA MET B 51 -10.81 29.72 -10.68
C MET B 51 -11.10 30.17 -12.10
N ILE B 52 -10.18 30.92 -12.72
CA ILE B 52 -10.32 31.23 -14.13
C ILE B 52 -10.05 29.99 -15.00
N VAL B 53 -9.01 29.21 -14.68
CA VAL B 53 -8.72 28.03 -15.49
C VAL B 53 -9.85 27.01 -15.40
N GLY B 54 -10.27 26.69 -14.18
CA GLY B 54 -11.39 25.79 -14.00
C GLY B 54 -11.18 24.69 -12.98
N LEU B 55 -9.97 24.58 -12.42
CA LEU B 55 -9.71 23.52 -11.45
C LEU B 55 -10.39 23.76 -10.11
N VAL B 56 -10.70 25.01 -9.77
CA VAL B 56 -11.34 25.35 -8.51
C VAL B 56 -12.68 26.02 -8.81
N GLN B 57 -13.75 25.50 -8.22
CA GLN B 57 -15.08 26.03 -8.47
C GLN B 57 -15.33 27.24 -7.58
N ALA B 58 -15.65 28.37 -8.19
CA ALA B 58 -15.91 29.58 -7.44
C ALA B 58 -17.25 29.50 -6.73
N ASP B 59 -17.46 30.40 -5.78
CA ASP B 59 -18.74 30.49 -5.08
C ASP B 59 -19.63 31.61 -5.62
N GLN B 60 -19.05 32.69 -6.12
CA GLN B 60 -19.81 33.75 -6.76
C GLN B 60 -19.12 34.13 -8.06
N GLY B 61 -19.71 35.08 -8.77
CA GLY B 61 -19.09 35.64 -9.95
C GLY B 61 -19.29 34.79 -11.19
N VAL B 62 -18.99 35.39 -12.34
CA VAL B 62 -19.18 34.77 -13.63
C VAL B 62 -17.88 34.84 -14.42
N VAL B 63 -17.72 33.90 -15.35
CA VAL B 63 -16.59 33.86 -16.26
C VAL B 63 -17.15 33.79 -17.67
N ARG B 64 -16.83 34.79 -18.50
CA ARG B 64 -17.47 34.96 -19.79
C ARG B 64 -16.41 35.08 -20.87
N ILE B 65 -16.48 34.22 -21.89
CA ILE B 65 -15.65 34.38 -23.09
C ILE B 65 -16.57 34.98 -24.16
N ASP B 66 -16.63 36.31 -24.20
CA ASP B 66 -17.38 37.05 -25.21
C ASP B 66 -18.85 36.63 -25.22
N GLU B 67 -19.52 36.94 -24.10
CA GLU B 67 -20.94 36.66 -23.93
C GLU B 67 -21.24 35.17 -24.06
N GLN B 68 -20.37 34.34 -23.49
CA GLN B 68 -20.50 32.89 -23.53
C GLN B 68 -20.25 32.31 -22.14
N ASN B 69 -20.96 32.84 -21.15
CA ASN B 69 -20.78 32.52 -19.73
C ASN B 69 -20.51 31.03 -19.51
N VAL B 70 -19.38 30.73 -18.87
CA VAL B 70 -18.98 29.35 -18.58
C VAL B 70 -18.68 29.18 -17.10
N THR B 71 -19.34 29.98 -16.26
CA THR B 71 -19.04 29.91 -14.83
C THR B 71 -19.37 28.56 -14.22
N HIS B 72 -20.27 27.79 -14.84
CA HIS B 72 -20.67 26.50 -14.32
C HIS B 72 -20.10 25.32 -15.09
N LEU B 73 -19.61 25.55 -16.30
CA LEU B 73 -19.04 24.48 -17.10
C LEU B 73 -17.75 23.96 -16.45
N PRO B 74 -17.46 22.67 -16.57
CA PRO B 74 -16.19 22.14 -16.06
C PRO B 74 -15.03 22.57 -16.95
N MET B 75 -13.83 22.07 -16.66
CA MET B 75 -12.69 22.40 -17.52
C MET B 75 -12.89 21.91 -18.95
N HIS B 76 -13.73 20.89 -19.14
CA HIS B 76 -14.02 20.38 -20.48
C HIS B 76 -14.66 21.47 -21.33
N GLY B 77 -15.75 22.06 -20.83
CA GLY B 77 -16.43 23.10 -21.58
C GLY B 77 -15.66 24.40 -21.64
N ARG B 78 -14.89 24.70 -20.59
CA ARG B 78 -14.04 25.88 -20.64
C ARG B 78 -12.99 25.75 -21.73
N ALA B 79 -12.40 24.56 -21.88
CA ALA B 79 -11.45 24.32 -22.95
C ALA B 79 -12.10 24.22 -24.31
N ARG B 80 -13.35 23.76 -24.39
CA ARG B 80 -14.06 23.70 -25.67
C ARG B 80 -14.52 25.07 -26.14
N ALA B 81 -14.81 26.00 -25.23
CA ALA B 81 -15.02 27.39 -25.63
C ALA B 81 -13.71 28.07 -25.99
N GLY B 82 -12.59 27.54 -25.51
CA GLY B 82 -11.25 27.96 -25.88
C GLY B 82 -10.55 28.64 -24.74
N ILE B 83 -9.78 27.87 -23.99
CA ILE B 83 -8.93 28.36 -22.90
C ILE B 83 -7.79 27.37 -22.75
N GLY B 84 -6.56 27.85 -22.89
CA GLY B 84 -5.42 26.99 -22.68
C GLY B 84 -5.07 26.84 -21.22
N TYR B 85 -4.10 25.96 -20.97
CA TYR B 85 -3.57 25.80 -19.62
C TYR B 85 -2.26 25.03 -19.73
N LEU B 86 -1.19 25.59 -19.18
CA LEU B 86 0.13 24.97 -19.24
C LEU B 86 0.66 24.77 -17.84
N PRO B 87 0.75 23.52 -17.36
CA PRO B 87 1.16 23.30 -15.97
C PRO B 87 2.62 23.69 -15.75
N GLN B 88 2.92 24.05 -14.50
CA GLN B 88 4.29 24.42 -14.15
C GLN B 88 5.25 23.24 -14.32
N GLU B 89 4.83 22.07 -13.87
CA GLU B 89 5.67 20.88 -13.98
C GLU B 89 5.67 20.37 -15.42
N ALA B 90 6.55 19.41 -15.68
CA ALA B 90 6.58 18.79 -17.00
C ALA B 90 5.32 17.98 -17.22
N SER B 91 4.68 18.21 -18.37
CA SER B 91 3.43 17.52 -18.72
C SER B 91 3.55 16.85 -20.08
N ILE B 92 4.78 16.56 -20.51
CA ILE B 92 4.98 15.92 -21.80
C ILE B 92 4.59 14.45 -21.71
N PHE B 93 4.03 13.91 -22.79
CA PHE B 93 3.70 12.49 -22.85
C PHE B 93 5.01 11.71 -22.98
N ARG B 94 5.42 11.06 -21.90
CA ARG B 94 6.78 10.52 -21.81
C ARG B 94 7.05 9.46 -22.87
N LYS B 95 6.09 8.57 -23.09
CA LYS B 95 6.30 7.41 -23.96
C LYS B 95 5.77 7.64 -25.37
N LEU B 96 5.39 8.87 -25.70
CA LEU B 96 4.95 9.23 -27.05
C LEU B 96 5.97 10.12 -27.71
N SER B 97 6.15 9.93 -29.02
CA SER B 97 7.10 10.71 -29.78
C SER B 97 6.67 12.18 -29.82
N VAL B 98 7.59 13.04 -30.23
CA VAL B 98 7.26 14.45 -30.39
C VAL B 98 6.27 14.69 -31.52
N SER B 99 6.38 13.95 -32.62
CA SER B 99 5.40 14.06 -33.69
C SER B 99 4.05 13.49 -33.32
N ASP B 100 3.95 12.77 -32.20
CA ASP B 100 2.70 12.23 -31.72
C ASP B 100 2.11 13.01 -30.57
N ASN B 101 2.90 13.77 -29.82
CA ASN B 101 2.34 14.66 -28.81
C ASN B 101 1.37 15.66 -29.42
N ILE B 102 1.76 16.27 -30.54
CA ILE B 102 0.90 17.22 -31.22
C ILE B 102 -0.26 16.52 -31.90
N MET B 103 -0.02 15.34 -32.47
CA MET B 103 -1.05 14.68 -33.26
C MET B 103 -2.14 14.06 -32.38
N ALA B 104 -1.79 13.61 -31.17
CA ALA B 104 -2.80 13.07 -30.27
C ALA B 104 -3.81 14.13 -29.87
N ILE B 105 -3.43 15.40 -29.95
CA ILE B 105 -4.36 16.50 -29.68
C ILE B 105 -5.02 16.99 -30.95
N LEU B 106 -4.30 16.98 -32.07
CA LEU B 106 -4.91 17.36 -33.34
C LEU B 106 -6.04 16.41 -33.73
N GLU B 107 -5.93 15.13 -33.35
CA GLU B 107 -7.00 14.19 -33.64
C GLU B 107 -8.26 14.50 -32.85
N THR B 108 -8.13 15.20 -31.72
CA THR B 108 -9.32 15.60 -30.97
C THR B 108 -10.14 16.63 -31.73
N ARG B 109 -9.49 17.55 -32.44
CA ARG B 109 -10.20 18.59 -33.17
C ARG B 109 -11.09 17.97 -34.24
N SER B 110 -12.32 18.46 -34.33
CA SER B 110 -13.33 17.88 -35.20
C SER B 110 -13.41 18.56 -36.57
N ASP B 111 -13.10 19.85 -36.64
CA ASP B 111 -13.22 20.57 -37.90
C ASP B 111 -12.16 20.16 -38.91
N LEU B 112 -11.09 19.50 -38.46
CA LEU B 112 -10.01 19.10 -39.35
C LEU B 112 -10.24 17.70 -39.89
N ASP B 113 -9.99 17.51 -41.18
CA ASP B 113 -10.05 16.21 -41.82
C ASP B 113 -8.66 15.57 -41.81
N ARG B 114 -8.50 14.47 -42.55
CA ARG B 114 -7.22 13.76 -42.56
C ARG B 114 -6.11 14.63 -43.13
N ASN B 115 -6.39 15.36 -44.20
CA ASN B 115 -5.39 16.24 -44.80
C ASN B 115 -5.12 17.46 -43.92
N GLY B 116 -6.19 18.02 -43.32
CA GLY B 116 -6.02 19.21 -42.50
C GLY B 116 -5.14 18.95 -41.29
N ARG B 117 -5.29 17.78 -40.66
CA ARG B 117 -4.45 17.46 -39.52
C ARG B 117 -2.98 17.33 -39.92
N LYS B 118 -2.71 16.72 -41.07
CA LYS B 118 -1.33 16.62 -41.54
C LYS B 118 -0.74 17.99 -41.82
N GLU B 119 -1.52 18.86 -42.48
CA GLU B 119 -1.03 20.21 -42.74
C GLU B 119 -0.76 20.97 -41.45
N ALA B 120 -1.67 20.84 -40.48
CA ALA B 120 -1.47 21.52 -39.20
C ALA B 120 -0.25 20.99 -38.47
N LEU B 121 -0.02 19.67 -38.53
CA LEU B 121 1.17 19.10 -37.89
C LEU B 121 2.44 19.64 -38.55
N GLU B 122 2.46 19.72 -39.88
CA GLU B 122 3.63 20.27 -40.56
C GLU B 122 3.86 21.72 -40.14
N GLY B 123 2.79 22.52 -40.10
CA GLY B 123 2.94 23.92 -39.73
C GLY B 123 3.42 24.08 -38.30
N LEU B 124 2.89 23.29 -37.38
CA LEU B 124 3.30 23.39 -35.98
C LEU B 124 4.71 22.89 -35.77
N LEU B 125 5.14 21.89 -36.52
CA LEU B 125 6.51 21.43 -36.42
C LEU B 125 7.49 22.46 -36.97
N GLN B 126 7.14 23.13 -38.07
CA GLN B 126 8.02 24.15 -38.63
C GLN B 126 8.05 25.42 -37.81
N GLU B 127 6.93 25.80 -37.18
CA GLU B 127 6.86 27.07 -36.46
C GLU B 127 7.81 27.11 -35.27
N PHE B 128 7.86 26.04 -34.49
CA PHE B 128 8.57 26.04 -33.21
C PHE B 128 9.92 25.35 -33.27
N HIS B 129 10.44 25.08 -34.47
CA HIS B 129 11.81 24.60 -34.66
C HIS B 129 12.06 23.31 -33.88
N ILE B 130 11.12 22.38 -33.97
CA ILE B 130 11.28 21.05 -33.39
C ILE B 130 11.12 20.01 -34.49
N HIS B 131 11.29 20.45 -35.74
CA HIS B 131 11.10 19.56 -36.88
C HIS B 131 12.15 18.46 -36.93
N HIS B 132 13.37 18.72 -36.47
CA HIS B 132 14.42 17.72 -36.51
C HIS B 132 14.38 16.78 -35.33
N ILE B 133 13.50 17.01 -34.36
CA ILE B 133 13.40 16.19 -33.16
C ILE B 133 12.02 15.52 -33.19
N ARG B 134 11.53 15.22 -34.39
CA ARG B 134 10.17 14.72 -34.53
C ARG B 134 10.03 13.25 -34.19
N ASP B 135 11.12 12.56 -33.85
CA ASP B 135 11.08 11.13 -33.56
C ASP B 135 11.85 10.82 -32.28
N ASN B 136 11.64 11.62 -31.25
CA ASN B 136 12.26 11.41 -29.95
C ASN B 136 11.16 11.25 -28.90
N LEU B 137 11.35 10.29 -28.00
CA LEU B 137 10.36 10.08 -26.95
C LEU B 137 10.37 11.27 -26.00
N GLY B 138 9.21 11.52 -25.37
CA GLY B 138 9.07 12.67 -24.50
C GLY B 138 10.04 12.66 -23.33
N MET B 139 10.33 11.47 -22.79
CA MET B 139 11.28 11.38 -21.69
C MET B 139 12.71 11.66 -22.13
N SER B 140 12.96 11.69 -23.44
CA SER B 140 14.30 11.93 -23.98
C SER B 140 14.55 13.40 -24.31
N LEU B 141 13.64 14.29 -23.95
CA LEU B 141 13.80 15.71 -24.29
C LEU B 141 14.37 16.49 -23.11
N SER B 142 15.19 17.48 -23.44
CA SER B 142 15.76 18.36 -22.44
C SER B 142 14.76 19.45 -22.05
N GLY B 143 15.13 20.23 -21.03
CA GLY B 143 14.24 21.29 -20.56
C GLY B 143 13.97 22.35 -21.60
N GLY B 144 14.96 22.66 -22.44
CA GLY B 144 14.78 23.70 -23.44
C GLY B 144 13.75 23.36 -24.50
N GLU B 145 13.80 22.13 -25.01
CA GLU B 145 12.89 21.71 -26.07
C GLU B 145 11.55 21.20 -25.54
N ARG B 146 11.52 20.74 -24.28
CA ARG B 146 10.27 20.27 -23.71
C ARG B 146 9.22 21.37 -23.67
N ARG B 147 9.63 22.59 -23.29
CA ARG B 147 8.67 23.70 -23.24
C ARG B 147 8.15 24.04 -24.62
N ARG B 148 9.02 24.01 -25.64
CA ARG B 148 8.58 24.29 -26.99
C ARG B 148 7.58 23.24 -27.46
N VAL B 149 7.85 21.97 -27.17
CA VAL B 149 6.92 20.91 -27.57
C VAL B 149 5.59 21.07 -26.85
N GLU B 150 5.63 21.44 -25.57
CA GLU B 150 4.38 21.65 -24.83
C GLU B 150 3.59 22.81 -25.39
N ILE B 151 4.27 23.89 -25.78
CA ILE B 151 3.55 25.04 -26.35
C ILE B 151 2.93 24.66 -27.70
N ALA B 152 3.66 23.91 -28.52
CA ALA B 152 3.09 23.44 -29.77
C ALA B 152 1.87 22.55 -29.53
N ARG B 153 1.95 21.68 -28.53
CA ARG B 153 0.82 20.84 -28.17
C ARG B 153 -0.38 21.67 -27.74
N ALA B 154 -0.12 22.72 -26.95
CA ALA B 154 -1.21 23.59 -26.51
C ALA B 154 -1.86 24.31 -27.68
N LEU B 155 -1.06 24.78 -28.63
CA LEU B 155 -1.65 25.41 -29.81
C LEU B 155 -2.36 24.43 -30.72
N ALA B 156 -2.00 23.14 -30.66
CA ALA B 156 -2.67 22.16 -31.49
C ALA B 156 -4.17 22.07 -31.21
N SER B 157 -4.61 22.49 -30.03
CA SER B 157 -6.02 22.49 -29.66
C SER B 157 -6.76 23.74 -30.09
N ALA B 158 -6.08 24.68 -30.75
CA ALA B 158 -6.64 25.93 -31.24
C ALA B 158 -7.37 26.69 -30.13
N PRO B 159 -6.67 27.25 -29.17
CA PRO B 159 -7.31 28.03 -28.11
C PRO B 159 -7.41 29.51 -28.50
N LYS B 160 -8.10 30.26 -27.64
CA LYS B 160 -8.13 31.71 -27.75
C LYS B 160 -7.34 32.41 -26.65
N PHE B 161 -7.34 31.87 -25.43
CA PHE B 161 -6.55 32.39 -24.34
C PHE B 161 -5.75 31.25 -23.73
N ILE B 162 -4.44 31.45 -23.60
CA ILE B 162 -3.56 30.48 -22.96
C ILE B 162 -3.17 31.02 -21.60
N LEU B 163 -3.37 30.23 -20.56
CA LEU B 163 -3.18 30.67 -19.19
C LEU B 163 -1.93 29.97 -18.64
N LEU B 164 -0.77 30.56 -18.89
CA LEU B 164 0.48 29.98 -18.42
C LEU B 164 0.55 30.03 -16.90
N ASP B 165 1.20 29.02 -16.31
CA ASP B 165 1.34 28.91 -14.87
C ASP B 165 2.82 28.72 -14.54
N GLU B 166 3.43 29.74 -13.94
CA GLU B 166 4.81 29.72 -13.50
C GLU B 166 5.77 29.41 -14.66
N PRO B 167 5.88 30.30 -15.65
CA PRO B 167 6.77 30.00 -16.79
C PRO B 167 8.25 30.23 -16.46
N PHE B 168 8.54 31.24 -15.63
CA PHE B 168 9.90 31.60 -15.29
C PHE B 168 10.35 31.01 -13.96
N ALA B 169 9.85 29.84 -13.61
CA ALA B 169 10.17 29.21 -12.33
C ALA B 169 11.31 28.22 -12.52
N GLY B 170 12.43 28.47 -11.83
CA GLY B 170 13.55 27.55 -11.87
C GLY B 170 14.23 27.40 -13.21
N VAL B 171 14.37 28.48 -13.98
CA VAL B 171 15.03 28.44 -15.26
C VAL B 171 16.25 29.36 -15.21
N ASP B 172 17.21 29.08 -16.10
CA ASP B 172 18.44 29.85 -16.14
C ASP B 172 18.14 31.27 -16.64
N PRO B 173 18.96 32.25 -16.24
CA PRO B 173 18.76 33.62 -16.73
C PRO B 173 18.94 33.78 -18.22
N ILE B 174 19.35 32.73 -18.94
CA ILE B 174 19.52 32.81 -20.38
C ILE B 174 18.36 32.16 -21.14
N SER B 175 17.53 31.34 -20.47
CA SER B 175 16.36 30.75 -21.10
C SER B 175 15.13 31.63 -21.02
N VAL B 176 15.13 32.64 -20.15
CA VAL B 176 14.02 33.60 -20.13
C VAL B 176 13.95 34.41 -21.40
N GLY B 177 15.09 34.68 -22.04
CA GLY B 177 15.06 35.37 -23.33
C GLY B 177 14.45 34.56 -24.44
N ASP B 178 14.35 33.24 -24.27
CA ASP B 178 13.65 32.36 -25.20
C ASP B 178 12.20 32.16 -24.83
N ILE B 179 11.90 32.05 -23.53
CA ILE B 179 10.51 31.95 -23.11
C ILE B 179 9.75 33.23 -23.49
N LYS B 180 10.39 34.39 -23.33
CA LYS B 180 9.75 35.64 -23.73
C LYS B 180 9.54 35.68 -25.24
N GLN B 181 10.48 35.11 -26.01
CA GLN B 181 10.28 35.04 -27.46
C GLN B 181 9.07 34.18 -27.80
N ILE B 182 8.92 33.05 -27.12
CA ILE B 182 7.76 32.20 -27.37
C ILE B 182 6.47 32.92 -27.01
N ILE B 183 6.48 33.66 -25.90
CA ILE B 183 5.28 34.38 -25.48
C ILE B 183 4.94 35.49 -26.47
N HIS B 184 5.95 36.19 -26.98
CA HIS B 184 5.69 37.19 -28.02
C HIS B 184 5.13 36.55 -29.28
N HIS B 185 5.66 35.38 -29.65
CA HIS B 185 5.11 34.65 -30.79
C HIS B 185 3.65 34.29 -30.58
N LEU B 186 3.31 33.82 -29.38
CA LEU B 186 1.93 33.50 -29.07
C LEU B 186 1.03 34.74 -29.15
N LYS B 187 1.50 35.86 -28.61
CA LYS B 187 0.72 37.09 -28.67
C LYS B 187 0.53 37.55 -30.11
N ALA B 188 1.53 37.35 -30.96
CA ALA B 188 1.43 37.78 -32.35
C ALA B 188 0.35 37.03 -33.13
N LYS B 189 -0.17 35.92 -32.59
CA LYS B 189 -1.22 35.18 -33.27
C LYS B 189 -2.62 35.65 -32.90
N GLY B 190 -2.76 36.41 -31.82
CA GLY B 190 -4.07 36.83 -31.37
C GLY B 190 -4.56 36.04 -30.17
N ILE B 191 -3.66 35.79 -29.23
CA ILE B 191 -3.97 35.00 -28.05
C ILE B 191 -3.79 35.87 -26.81
N GLY B 192 -4.54 35.54 -25.77
CA GLY B 192 -4.69 36.39 -24.60
C GLY B 192 -3.90 35.96 -23.38
N ILE B 193 -2.62 35.64 -23.57
CA ILE B 193 -1.75 35.04 -22.56
C ILE B 193 -1.96 35.67 -21.18
N LEU B 194 -2.06 34.82 -20.16
CA LEU B 194 -2.21 35.26 -18.77
C LEU B 194 -1.13 34.58 -17.94
N ILE B 195 -0.20 35.35 -17.39
CA ILE B 195 0.95 34.83 -16.67
C ILE B 195 0.76 35.09 -15.19
N THR B 196 0.88 34.03 -14.38
CA THR B 196 1.03 34.16 -12.94
C THR B 196 2.40 33.60 -12.56
N ASP B 197 3.11 34.33 -11.71
CA ASP B 197 4.47 33.94 -11.39
C ASP B 197 4.91 34.60 -10.09
N HIS B 198 5.90 34.01 -9.45
CA HIS B 198 6.55 34.59 -8.29
C HIS B 198 7.74 35.46 -8.66
N ASN B 199 8.10 35.52 -9.93
CA ASN B 199 9.25 36.29 -10.40
C ASN B 199 8.74 37.62 -10.91
N VAL B 200 8.86 38.66 -10.07
CA VAL B 200 8.28 39.96 -10.41
C VAL B 200 9.06 40.62 -11.54
N ARG B 201 10.39 40.50 -11.53
CA ARG B 201 11.21 41.28 -12.46
C ARG B 201 10.88 40.97 -13.92
N GLU B 202 10.77 39.70 -14.28
CA GLU B 202 10.48 39.35 -15.66
C GLU B 202 9.00 39.43 -16.00
N THR B 203 8.12 39.07 -15.06
CA THR B 203 6.68 39.15 -15.33
C THR B 203 6.25 40.58 -15.58
N LEU B 204 6.72 41.53 -14.76
CA LEU B 204 6.40 42.92 -15.00
C LEU B 204 7.05 43.45 -16.26
N ASP B 205 8.11 42.80 -16.75
CA ASP B 205 8.75 43.22 -17.98
C ASP B 205 7.94 42.80 -19.20
N ILE B 206 7.62 41.50 -19.30
CA ILE B 206 6.94 41.00 -20.49
C ILE B 206 5.50 41.50 -20.55
N CYS B 207 4.82 41.54 -19.41
CA CYS B 207 3.39 41.80 -19.41
C CYS B 207 3.08 43.25 -19.78
N GLU B 208 1.82 43.49 -20.14
CA GLU B 208 1.33 44.81 -20.46
C GLU B 208 0.36 45.38 -19.44
N THR B 209 -0.22 44.55 -18.59
CA THR B 209 -1.16 45.00 -17.57
C THR B 209 -1.18 43.98 -16.45
N ALA B 210 -0.85 44.42 -15.24
CA ALA B 210 -0.73 43.53 -14.10
C ALA B 210 -1.84 43.80 -13.09
N TYR B 211 -2.30 42.74 -12.45
CA TYR B 211 -3.36 42.82 -11.44
C TYR B 211 -2.79 42.34 -10.11
N ILE B 212 -2.20 43.26 -9.35
CA ILE B 212 -1.72 42.93 -8.01
C ILE B 212 -2.93 42.64 -7.13
N VAL B 213 -2.95 41.45 -6.54
CA VAL B 213 -4.05 41.03 -5.67
C VAL B 213 -3.49 40.71 -4.29
N ASN B 214 -4.08 41.32 -3.27
CA ASN B 214 -3.69 41.10 -1.89
C ASN B 214 -4.93 40.90 -1.03
N ASP B 215 -4.85 39.93 -0.12
CA ASP B 215 -5.95 39.63 0.80
C ASP B 215 -7.24 39.36 0.04
N GLY B 216 -7.12 38.74 -1.13
CA GLY B 216 -8.28 38.48 -1.96
C GLY B 216 -8.97 39.74 -2.46
N GLN B 217 -8.20 40.77 -2.79
CA GLN B 217 -8.74 41.99 -3.38
C GLN B 217 -7.71 42.59 -4.30
N LEU B 218 -8.18 43.23 -5.37
CA LEU B 218 -7.27 44.02 -6.21
C LEU B 218 -6.85 45.28 -5.45
N ILE B 219 -5.55 45.43 -5.24
CA ILE B 219 -5.02 46.65 -4.65
C ILE B 219 -4.42 47.58 -5.68
N ALA B 220 -4.12 47.10 -6.89
CA ALA B 220 -3.55 47.94 -7.92
C ALA B 220 -3.74 47.27 -9.27
N GLU B 221 -3.64 48.08 -10.33
CA GLU B 221 -3.70 47.58 -11.70
C GLU B 221 -3.10 48.63 -12.61
N GLY B 222 -2.73 48.20 -13.81
CA GLY B 222 -2.15 49.07 -14.81
C GLY B 222 -0.87 48.49 -15.35
N ASP B 223 -0.13 49.31 -16.09
CA ASP B 223 1.10 48.85 -16.70
C ASP B 223 2.19 48.74 -15.64
N ALA B 224 3.43 48.48 -16.08
CA ALA B 224 4.53 48.29 -15.13
C ALA B 224 4.83 49.55 -14.35
N GLU B 225 4.78 50.72 -15.02
CA GLU B 225 5.12 51.97 -14.35
C GLU B 225 4.10 52.32 -13.28
N SER B 226 2.81 52.13 -13.58
CA SER B 226 1.77 52.44 -12.61
C SER B 226 1.69 51.42 -11.47
N ILE B 227 2.41 50.32 -11.56
CA ILE B 227 2.49 49.35 -10.47
C ILE B 227 3.73 49.57 -9.63
N LEU B 228 4.88 49.79 -10.26
CA LEU B 228 6.12 50.05 -9.53
C LEU B 228 6.14 51.41 -8.86
N ALA B 229 5.19 52.29 -9.16
CA ALA B 229 5.13 53.60 -8.55
C ALA B 229 3.95 53.78 -7.60
N ASN B 230 3.21 52.72 -7.31
CA ASN B 230 2.09 52.80 -6.39
C ASN B 230 2.60 52.77 -4.96
N ASP B 231 1.70 52.83 -3.99
CA ASP B 231 2.08 52.89 -2.59
C ASP B 231 1.64 51.68 -1.79
N LEU B 232 0.43 51.16 -2.04
CA LEU B 232 0.01 49.95 -1.34
C LEU B 232 0.92 48.77 -1.68
N VAL B 233 1.27 48.63 -2.95
CA VAL B 233 2.15 47.54 -3.36
C VAL B 233 3.52 47.71 -2.73
N LYS B 234 4.07 48.92 -2.75
CA LYS B 234 5.35 49.15 -2.08
C LYS B 234 5.28 48.88 -0.59
N GLU B 235 4.12 49.08 0.04
CA GLU B 235 4.01 48.82 1.46
C GLU B 235 3.97 47.32 1.76
N VAL B 236 3.22 46.55 0.98
CA VAL B 236 2.92 45.17 1.36
C VAL B 236 3.70 44.15 0.55
N TYR B 237 3.78 44.30 -0.78
CA TYR B 237 4.35 43.26 -1.63
C TYR B 237 5.81 43.52 -1.99
N LEU B 238 6.10 44.67 -2.60
CA LEU B 238 7.41 44.89 -3.19
C LEU B 238 8.44 45.42 -2.19
N GLY B 239 8.01 46.12 -1.15
CA GLY B 239 8.96 46.74 -0.24
C GLY B 239 9.52 48.02 -0.81
N HIS B 240 9.93 48.94 0.07
CA HIS B 240 10.35 50.26 -0.39
C HIS B 240 11.70 50.25 -1.11
N GLU B 241 12.48 49.19 -0.97
CA GLU B 241 13.81 49.12 -1.55
C GLU B 241 13.84 48.36 -2.87
N PHE B 242 12.69 48.00 -3.42
CA PHE B 242 12.63 47.22 -4.66
C PHE B 242 12.98 48.14 -5.83
N ARG B 243 14.25 48.08 -6.23
CA ARG B 243 14.74 48.83 -7.39
C ARG B 243 14.43 50.32 -7.30
N MET C 4 -10.30 9.85 -31.66
CA MET C 4 -9.23 9.93 -30.69
C MET C 4 -8.66 8.55 -30.68
N VAL C 5 -7.64 8.31 -31.48
CA VAL C 5 -7.03 7.02 -31.55
C VAL C 5 -5.75 6.96 -30.81
N LYS C 6 -4.88 7.92 -30.95
CA LYS C 6 -3.61 7.81 -30.30
C LYS C 6 -3.68 7.90 -28.84
N LEU C 7 -4.54 8.72 -28.31
CA LEU C 7 -4.70 8.80 -26.89
C LEU C 7 -5.31 7.53 -26.35
N ASP C 8 -6.29 6.93 -27.01
CA ASP C 8 -6.89 5.73 -26.52
C ASP C 8 -5.88 4.62 -26.42
N ARG C 9 -5.02 4.45 -27.38
CA ARG C 9 -4.00 3.46 -27.31
C ARG C 9 -3.03 3.73 -26.21
N TYR C 10 -2.64 4.95 -25.96
CA TYR C 10 -1.78 5.26 -24.83
C TYR C 10 -2.41 5.02 -23.48
N ILE C 11 -3.67 5.40 -23.24
CA ILE C 11 -4.33 5.06 -21.98
C ILE C 11 -4.58 3.56 -21.92
N GLY C 12 -5.00 2.91 -22.99
CA GLY C 12 -5.16 1.48 -23.02
C GLY C 12 -3.96 0.56 -22.86
N VAL C 13 -2.84 0.77 -23.52
CA VAL C 13 -1.68 -0.03 -23.29
C VAL C 13 -1.24 0.16 -21.90
N THR C 14 -1.26 1.37 -21.37
CA THR C 14 -0.75 1.59 -20.03
C THR C 14 -1.52 0.88 -18.93
N VAL C 15 -2.84 0.94 -18.89
CA VAL C 15 -3.60 0.18 -17.92
C VAL C 15 -3.49 -1.33 -18.16
N PHE C 16 -3.53 -1.82 -19.38
CA PHE C 16 -3.37 -3.24 -19.66
C PHE C 16 -2.03 -3.82 -19.28
N VAL C 17 -0.91 -3.17 -19.51
CA VAL C 17 0.33 -3.74 -19.04
C VAL C 17 0.36 -3.76 -17.52
N ALA C 18 -0.12 -2.74 -16.86
CA ALA C 18 -0.15 -2.78 -15.42
C ALA C 18 -1.05 -3.81 -14.80
N ILE C 19 -2.23 -4.06 -15.31
CA ILE C 19 -3.09 -5.08 -14.77
C ILE C 19 -2.45 -6.40 -14.95
N LEU C 20 -1.84 -6.66 -16.08
CA LEU C 20 -1.13 -7.89 -16.23
C LEU C 20 0.04 -8.01 -15.27
N ALA C 21 0.82 -6.99 -15.02
CA ALA C 21 1.88 -7.12 -14.03
C ALA C 21 1.43 -7.33 -12.62
N VAL C 22 0.38 -6.66 -12.18
CA VAL C 22 -0.15 -6.91 -10.86
C VAL C 22 -0.71 -8.31 -10.76
N LEU C 23 -1.27 -8.89 -11.79
CA LEU C 23 -1.82 -10.23 -11.63
C LEU C 23 -0.68 -11.19 -11.57
N GLY C 24 0.40 -10.90 -12.22
CA GLY C 24 1.54 -11.76 -12.08
C GLY C 24 2.11 -11.82 -10.70
N VAL C 25 2.25 -10.71 -10.00
CA VAL C 25 2.70 -10.76 -8.61
C VAL C 25 1.69 -11.39 -7.68
N ILE C 26 0.43 -11.05 -7.77
CA ILE C 26 -0.58 -11.67 -6.95
C ILE C 26 -0.79 -13.17 -7.18
N LEU C 27 -0.83 -13.69 -8.40
CA LEU C 27 -0.92 -15.12 -8.63
C LEU C 27 0.35 -15.71 -8.11
N GLY C 28 1.46 -15.02 -8.26
CA GLY C 28 2.71 -15.50 -7.72
C GLY C 28 2.82 -15.62 -6.22
N LEU C 29 2.39 -14.63 -5.45
CA LEU C 29 2.41 -14.76 -4.02
C LEU C 29 1.41 -15.80 -3.57
N ALA C 30 0.23 -15.80 -4.11
CA ALA C 30 -0.76 -16.73 -3.67
C ALA C 30 -0.40 -18.15 -3.90
N LEU C 31 0.21 -18.50 -5.02
CA LEU C 31 0.67 -19.86 -5.23
C LEU C 31 1.72 -20.18 -4.16
N LEU C 32 2.60 -19.27 -3.80
CA LEU C 32 3.56 -19.52 -2.71
C LEU C 32 2.99 -19.71 -1.35
N PHE C 33 2.05 -18.91 -0.93
CA PHE C 33 1.43 -19.12 0.35
C PHE C 33 0.76 -20.47 0.33
N ALA C 34 0.17 -20.86 -0.78
CA ALA C 34 -0.38 -22.20 -0.88
C ALA C 34 0.64 -23.30 -0.79
N PHE C 35 1.81 -23.17 -1.37
CA PHE C 35 2.77 -24.24 -1.20
C PHE C 35 3.17 -24.34 0.24
N ILE C 36 3.32 -23.25 0.95
CA ILE C 36 3.78 -23.36 2.31
C ILE C 36 2.74 -24.16 3.08
N ASP C 37 1.47 -23.91 2.85
CA ASP C 37 0.45 -24.66 3.54
C ASP C 37 0.47 -26.14 3.19
N GLU C 38 0.66 -26.49 1.93
CA GLU C 38 0.64 -27.88 1.53
C GLU C 38 1.78 -28.63 2.11
N LEU C 39 2.86 -27.93 2.39
CA LEU C 39 4.03 -28.62 2.88
C LEU C 39 3.72 -29.29 4.22
N ASN C 40 2.70 -28.82 4.92
CA ASN C 40 2.40 -29.38 6.22
C ASN C 40 2.04 -30.83 6.05
N ASP C 41 1.28 -31.13 5.01
CA ASP C 41 0.81 -32.48 4.86
C ASP C 41 1.58 -33.34 3.91
N ILE C 42 2.68 -32.86 3.37
CA ILE C 42 3.45 -33.75 2.51
C ILE C 42 4.06 -34.78 3.38
N SER C 43 3.57 -36.00 3.22
CA SER C 43 4.10 -37.09 4.00
C SER C 43 3.83 -38.37 3.28
N ALA C 44 4.82 -39.23 3.20
CA ALA C 44 4.58 -40.51 2.61
C ALA C 44 4.06 -40.32 1.22
N SER C 45 2.89 -40.89 0.93
CA SER C 45 2.28 -40.79 -0.39
C SER C 45 2.51 -39.47 -1.16
N TYR C 46 2.28 -38.32 -0.53
CA TYR C 46 2.49 -37.04 -1.19
C TYR C 46 3.95 -36.66 -1.09
N GLY C 47 4.55 -36.22 -2.18
CA GLY C 47 5.95 -35.85 -2.20
C GLY C 47 6.06 -34.41 -2.61
N ILE C 48 7.14 -33.71 -2.28
CA ILE C 48 7.21 -32.29 -2.54
C ILE C 48 7.02 -32.06 -4.01
N GLY C 49 7.55 -32.92 -4.84
CA GLY C 49 7.33 -32.80 -6.27
C GLY C 49 5.89 -32.92 -6.71
N ASP C 50 5.17 -33.84 -6.14
CA ASP C 50 3.76 -33.97 -6.45
C ASP C 50 2.94 -32.78 -6.01
N ALA C 51 3.26 -32.22 -4.86
CA ALA C 51 2.54 -31.06 -4.35
C ALA C 51 2.72 -29.94 -5.33
N LEU C 52 3.87 -29.85 -5.94
CA LEU C 52 4.07 -28.84 -6.90
C LEU C 52 3.13 -29.01 -8.05
N ARG C 53 2.82 -30.21 -8.49
CA ARG C 53 1.82 -30.31 -9.56
C ARG C 53 0.48 -29.78 -9.13
N PHE C 54 0.01 -30.08 -7.92
CA PHE C 54 -1.23 -29.47 -7.49
C PHE C 54 -1.13 -27.99 -7.32
N ILE C 55 -0.08 -27.43 -6.76
CA ILE C 55 -0.07 -25.98 -6.63
C ILE C 55 -0.09 -25.36 -7.99
N PHE C 56 0.67 -25.88 -8.93
CA PHE C 56 0.64 -25.37 -10.30
C PHE C 56 -0.60 -25.59 -11.14
N LEU C 57 -1.27 -26.73 -11.09
CA LEU C 57 -2.42 -26.97 -11.97
C LEU C 57 -3.63 -26.37 -11.38
N THR C 58 -3.50 -25.71 -10.26
CA THR C 58 -4.61 -25.01 -9.74
C THR C 58 -4.42 -23.56 -10.01
N ALA C 59 -3.45 -23.22 -10.82
CA ALA C 59 -3.23 -21.83 -11.17
C ALA C 59 -4.27 -21.20 -11.99
N PRO C 60 -4.80 -21.89 -12.97
CA PRO C 60 -5.81 -21.14 -13.66
C PRO C 60 -6.95 -20.71 -12.80
N ARG C 61 -7.44 -21.50 -11.87
CA ARG C 61 -8.49 -21.02 -11.00
C ARG C 61 -8.04 -19.87 -10.13
N ARG C 62 -6.84 -19.88 -9.58
CA ARG C 62 -6.45 -18.81 -8.69
C ARG C 62 -6.43 -17.52 -9.43
N ALA C 63 -6.09 -17.51 -10.69
CA ALA C 63 -6.12 -16.29 -11.43
C ALA C 63 -7.49 -15.74 -11.63
N TYR C 64 -8.44 -16.57 -11.98
CA TYR C 64 -9.77 -16.10 -12.28
C TYR C 64 -10.34 -15.43 -11.07
N ASP C 65 -10.08 -15.95 -9.89
CA ASP C 65 -10.55 -15.29 -8.72
C ASP C 65 -9.95 -13.94 -8.49
N MET C 66 -8.67 -13.74 -8.80
CA MET C 66 -8.00 -12.49 -8.53
C MET C 66 -8.17 -11.45 -9.61
N LEU C 67 -8.86 -11.71 -10.69
CA LEU C 67 -9.05 -10.74 -11.73
C LEU C 67 -9.80 -9.56 -11.28
N PRO C 68 -10.82 -9.74 -10.47
CA PRO C 68 -11.40 -8.50 -9.99
C PRO C 68 -10.47 -7.65 -9.08
N MET C 69 -9.46 -8.17 -8.36
CA MET C 69 -8.51 -7.43 -7.54
C MET C 69 -7.33 -6.94 -8.36
N ALA C 70 -6.84 -7.79 -9.28
CA ALA C 70 -5.77 -7.38 -10.17
C ALA C 70 -6.21 -6.22 -11.05
N ALA C 71 -7.45 -6.26 -11.54
CA ALA C 71 -7.96 -5.15 -12.34
C ALA C 71 -8.00 -3.86 -11.54
N LEU C 72 -8.49 -3.93 -10.30
CA LEU C 72 -8.53 -2.75 -9.44
C LEU C 72 -7.14 -2.15 -9.25
N ILE C 73 -6.19 -2.97 -8.79
CA ILE C 73 -4.87 -2.44 -8.46
C ILE C 73 -4.13 -2.00 -9.71
N GLY C 74 -4.27 -2.75 -10.81
CA GLY C 74 -3.62 -2.37 -12.04
C GLY C 74 -4.17 -1.09 -12.63
N CYS C 75 -5.49 -0.91 -12.59
CA CYS C 75 -6.06 0.36 -13.02
C CYS C 75 -5.54 1.51 -12.17
N LEU C 76 -5.51 1.32 -10.84
CA LEU C 76 -4.98 2.35 -9.96
C LEU C 76 -3.56 2.74 -10.34
N VAL C 77 -2.68 1.74 -10.49
CA VAL C 77 -1.27 2.03 -10.77
C VAL C 77 -1.09 2.65 -12.14
N GLY C 78 -1.72 2.05 -13.16
CA GLY C 78 -1.49 2.49 -14.52
C GLY C 78 -2.19 3.78 -14.89
N LEU C 79 -3.17 4.21 -14.08
CA LEU C 79 -3.74 5.52 -14.28
C LEU C 79 -3.09 6.57 -13.38
N GLY C 80 -2.56 6.17 -12.23
CA GLY C 80 -1.80 7.10 -11.42
C GLY C 80 -0.46 7.45 -12.04
N THR C 81 0.14 6.53 -12.79
CA THR C 81 1.38 6.86 -13.48
C THR C 81 1.17 7.88 -14.59
N LEU C 82 -0.07 8.09 -15.03
CA LEU C 82 -0.41 9.17 -15.95
C LEU C 82 -0.92 10.41 -15.23
N ALA C 83 -1.60 10.25 -14.10
CA ALA C 83 -2.11 11.38 -13.34
C ALA C 83 -1.05 12.13 -12.56
N SER C 84 -0.03 11.45 -12.05
CA SER C 84 1.03 12.11 -11.29
C SER C 84 2.06 12.77 -12.20
N ASN C 85 2.09 12.44 -13.48
CA ASN C 85 2.93 13.12 -14.45
C ASN C 85 2.21 14.28 -15.11
N SER C 86 1.01 14.61 -14.64
CA SER C 86 0.21 15.72 -15.18
C SER C 86 -0.12 15.51 -16.65
N GLU C 87 -0.33 14.26 -17.05
CA GLU C 87 -0.73 13.93 -18.41
C GLU C 87 -2.24 13.76 -18.55
N LEU C 88 -3.00 13.88 -17.47
CA LEU C 88 -4.45 13.86 -17.54
C LEU C 88 -5.07 15.24 -17.51
N THR C 89 -4.46 16.18 -16.80
CA THR C 89 -4.92 17.56 -16.88
C THR C 89 -4.74 18.12 -18.28
N ILE C 90 -3.70 17.68 -18.99
CA ILE C 90 -3.52 18.09 -20.38
C ILE C 90 -4.66 17.56 -21.25
N MET C 91 -5.02 16.29 -21.07
CA MET C 91 -6.12 15.73 -21.83
C MET C 91 -7.42 16.47 -21.53
N ARG C 92 -7.67 16.77 -20.25
CA ARG C 92 -8.90 17.47 -19.89
C ARG C 92 -8.91 18.89 -20.43
N ALA C 93 -7.76 19.56 -20.45
CA ALA C 93 -7.67 20.92 -20.95
C ALA C 93 -7.59 20.99 -22.47
N ALA C 94 -7.46 19.85 -23.15
CA ALA C 94 -7.51 19.83 -24.61
C ALA C 94 -8.92 19.65 -25.14
N GLY C 95 -9.93 19.51 -24.27
CA GLY C 95 -11.29 19.30 -24.69
C GLY C 95 -11.81 17.90 -24.53
N VAL C 96 -11.09 17.02 -23.83
CA VAL C 96 -11.50 15.64 -23.64
C VAL C 96 -12.24 15.51 -22.32
N SER C 97 -13.45 14.98 -22.36
CA SER C 97 -14.28 14.87 -21.17
C SER C 97 -13.78 13.73 -20.28
N LEU C 98 -14.39 13.64 -19.09
CA LEU C 98 -14.08 12.54 -18.19
C LEU C 98 -14.73 11.24 -18.66
N SER C 99 -15.90 11.33 -19.27
CA SER C 99 -16.58 10.14 -19.77
C SER C 99 -15.75 9.44 -20.84
N ARG C 100 -15.10 10.22 -21.71
CA ARG C 100 -14.28 9.63 -22.74
C ARG C 100 -13.05 8.95 -22.15
N ILE C 101 -12.47 9.53 -21.09
CA ILE C 101 -11.34 8.88 -20.43
C ILE C 101 -11.77 7.59 -19.76
N VAL C 102 -12.96 7.58 -19.13
CA VAL C 102 -13.46 6.36 -18.51
C VAL C 102 -13.70 5.30 -19.56
N TRP C 103 -14.29 5.66 -20.70
CA TRP C 103 -14.50 4.70 -21.78
C TRP C 103 -13.18 4.19 -22.33
N ALA C 104 -12.18 5.07 -22.42
CA ALA C 104 -10.87 4.67 -22.92
C ALA C 104 -10.22 3.65 -22.00
N VAL C 105 -10.35 3.85 -20.69
CA VAL C 105 -9.84 2.87 -19.74
C VAL C 105 -10.65 1.57 -19.81
N MET C 106 -11.96 1.69 -20.03
CA MET C 106 -12.83 0.52 -20.00
C MET C 106 -12.65 -0.38 -21.21
N LYS C 107 -12.28 0.18 -22.36
CA LYS C 107 -12.20 -0.62 -23.58
C LYS C 107 -11.25 -1.82 -23.45
N PRO C 108 -10.01 -1.67 -22.97
CA PRO C 108 -9.20 -2.88 -22.73
C PRO C 108 -9.79 -3.78 -21.67
N MET C 109 -10.45 -3.19 -20.66
CA MET C 109 -10.95 -3.99 -19.56
C MET C 109 -12.14 -4.84 -19.98
N LEU C 110 -12.90 -4.39 -20.98
CA LEU C 110 -13.96 -5.20 -21.54
C LEU C 110 -13.42 -6.46 -22.20
N VAL C 111 -12.26 -6.35 -22.86
CA VAL C 111 -11.59 -7.53 -23.40
C VAL C 111 -11.05 -8.39 -22.26
N LEU C 112 -10.56 -7.75 -21.20
CA LEU C 112 -10.03 -8.50 -20.06
C LEU C 112 -11.10 -9.37 -19.42
N MET C 113 -12.29 -8.81 -19.20
CA MET C 113 -13.36 -9.62 -18.62
C MET C 113 -13.88 -10.69 -19.56
N LEU C 114 -13.86 -10.45 -20.88
CA LEU C 114 -14.20 -11.50 -21.82
C LEU C 114 -13.22 -12.67 -21.71
N ALA C 115 -11.93 -12.36 -21.64
CA ALA C 115 -10.93 -13.42 -21.44
C ALA C 115 -11.14 -14.13 -20.11
N GLY C 116 -11.54 -13.38 -19.08
CA GLY C 116 -11.84 -14.00 -17.80
C GLY C 116 -12.99 -14.98 -17.88
N ILE C 117 -14.07 -14.58 -18.58
CA ILE C 117 -15.21 -15.49 -18.76
C ILE C 117 -14.78 -16.74 -19.51
N LEU C 118 -14.05 -16.56 -20.61
CA LEU C 118 -13.64 -17.72 -21.40
C LEU C 118 -12.76 -18.67 -20.58
N VAL C 119 -11.80 -18.13 -19.83
CA VAL C 119 -10.97 -19.02 -19.04
C VAL C 119 -11.76 -19.69 -17.93
N GLY C 120 -12.56 -18.95 -17.16
CA GLY C 120 -13.29 -19.52 -16.06
C GLY C 120 -14.40 -20.47 -16.49
N GLU C 121 -14.72 -20.47 -17.78
CA GLU C 121 -15.70 -21.42 -18.29
C GLU C 121 -15.08 -22.62 -19.00
N TYR C 122 -13.91 -22.46 -19.62
CA TYR C 122 -13.38 -23.52 -20.48
C TYR C 122 -12.03 -24.10 -20.03
N VAL C 123 -11.29 -23.42 -19.16
CA VAL C 123 -9.94 -23.85 -18.78
C VAL C 123 -9.85 -24.15 -17.29
N ALA C 124 -10.43 -23.29 -16.46
CA ALA C 124 -10.33 -23.48 -15.01
C ALA C 124 -10.95 -24.80 -14.54
N PRO C 125 -12.17 -25.18 -14.96
CA PRO C 125 -12.69 -26.48 -14.51
C PRO C 125 -11.81 -27.66 -14.90
N TRP C 126 -11.25 -27.66 -16.10
CA TRP C 126 -10.46 -28.80 -16.56
C TRP C 126 -9.18 -28.95 -15.75
N THR C 127 -8.40 -27.86 -15.62
CA THR C 127 -7.17 -27.93 -14.85
C THR C 127 -7.42 -28.18 -13.38
N GLU C 128 -8.46 -27.58 -12.79
CA GLU C 128 -8.76 -27.84 -11.39
C GLU C 128 -9.18 -29.29 -11.18
N ASN C 129 -9.97 -29.85 -12.09
CA ASN C 129 -10.40 -31.23 -11.98
C ASN C 129 -9.20 -32.18 -12.07
N ILE C 130 -8.29 -31.91 -13.02
CA ILE C 130 -7.11 -32.76 -13.14
C ILE C 130 -6.27 -32.71 -11.86
N ALA C 131 -6.07 -31.50 -11.33
CA ALA C 131 -5.26 -31.36 -10.13
C ALA C 131 -5.88 -32.05 -8.93
N GLN C 132 -7.17 -31.83 -8.71
CA GLN C 132 -7.83 -32.40 -7.54
C GLN C 132 -8.23 -33.86 -7.72
N SER C 133 -8.08 -34.41 -8.92
CA SER C 133 -8.15 -35.85 -9.09
C SER C 133 -6.80 -36.51 -8.88
N GLY C 134 -5.72 -35.92 -9.39
CA GLY C 134 -4.40 -36.46 -9.15
C GLY C 134 -4.02 -36.44 -7.68
N ARG C 135 -4.27 -35.31 -7.01
CA ARG C 135 -3.96 -35.23 -5.59
C ARG C 135 -4.84 -36.19 -4.79
N ALA C 136 -6.11 -36.32 -5.17
CA ALA C 136 -6.99 -37.24 -4.46
C ALA C 136 -6.52 -38.67 -4.61
N LEU C 137 -6.06 -39.05 -5.81
CA LEU C 137 -5.51 -40.38 -6.02
C LEU C 137 -4.26 -40.59 -5.19
N ALA C 138 -3.36 -39.60 -5.17
CA ALA C 138 -2.07 -39.79 -4.51
C ALA C 138 -2.22 -39.83 -3.00
N GLN C 139 -2.94 -38.87 -2.48
CA GLN C 139 -3.04 -38.77 -1.05
C GLN C 139 -4.24 -39.56 -0.71
N GLY C 140 -4.04 -40.85 -0.51
CA GLY C 140 -5.16 -41.69 -0.08
C GLY C 140 -5.60 -42.91 -0.86
N GLY C 141 -4.83 -43.37 -1.82
CA GLY C 141 -5.20 -44.60 -2.51
C GLY C 141 -5.21 -45.85 -1.65
N GLY C 142 -4.23 -46.01 -0.76
CA GLY C 142 -4.11 -47.22 0.06
C GLY C 142 -5.02 -47.77 1.14
N ASP C 143 -5.58 -46.93 2.01
CA ASP C 143 -6.36 -47.45 3.15
C ASP C 143 -7.83 -47.09 3.18
N SER C 144 -8.67 -47.93 3.83
CA SER C 144 -10.12 -47.70 3.83
C SER C 144 -10.61 -46.38 4.41
N GLN C 145 -10.16 -45.96 5.58
CA GLN C 145 -10.66 -44.67 6.07
C GLN C 145 -9.63 -43.55 6.09
N SER C 146 -8.42 -43.83 5.64
CA SER C 146 -7.36 -42.83 5.75
C SER C 146 -7.54 -41.54 4.97
N SER C 147 -7.99 -41.60 3.72
CA SER C 147 -8.05 -40.38 2.92
C SER C 147 -9.09 -39.34 3.34
N LYS C 148 -8.75 -38.06 3.19
CA LYS C 148 -9.67 -37.00 3.53
C LYS C 148 -10.31 -36.39 2.30
N ARG C 149 -10.02 -36.94 1.13
CA ARG C 149 -10.61 -36.45 -0.11
C ARG C 149 -11.71 -37.40 -0.47
N GLY C 150 -12.00 -38.31 0.44
CA GLY C 150 -13.02 -39.30 0.19
C GLY C 150 -14.43 -38.80 0.24
N LEU C 151 -15.33 -39.51 -0.41
CA LEU C 151 -16.70 -39.06 -0.48
C LEU C 151 -17.66 -39.89 0.34
N TRP C 152 -18.48 -39.22 1.13
CA TRP C 152 -19.46 -39.92 1.94
C TRP C 152 -20.88 -39.68 1.41
N HIS C 153 -21.72 -40.71 1.40
CA HIS C 153 -23.13 -40.57 0.97
C HIS C 153 -24.00 -41.17 2.03
N ARG C 154 -25.29 -40.82 2.03
CA ARG C 154 -26.16 -41.28 3.11
C ARG C 154 -27.40 -42.07 2.73
N GLN C 155 -27.65 -43.16 3.43
CA GLN C 155 -28.88 -43.92 3.23
C GLN C 155 -29.27 -44.15 4.65
N GLY C 156 -30.55 -44.41 4.93
CA GLY C 156 -30.92 -44.75 6.30
C GLY C 156 -30.29 -46.04 6.77
N ARG C 157 -30.33 -47.06 5.92
CA ARG C 157 -29.69 -48.34 6.26
C ARG C 157 -28.20 -48.30 6.31
N GLU C 158 -27.57 -47.65 5.34
CA GLU C 158 -26.11 -47.70 5.28
C GLU C 158 -25.42 -46.38 5.03
N TYR C 159 -24.17 -46.30 5.45
CA TYR C 159 -23.40 -45.08 5.28
C TYR C 159 -22.13 -45.49 4.57
N ILE C 160 -21.72 -44.76 3.55
CA ILE C 160 -20.58 -45.21 2.75
C ILE C 160 -19.43 -44.21 2.49
N HIS C 161 -18.18 -44.68 2.46
CA HIS C 161 -17.02 -43.81 2.14
C HIS C 161 -16.21 -44.30 0.94
N ILE C 162 -15.99 -43.48 -0.09
CA ILE C 162 -15.13 -43.88 -1.21
C ILE C 162 -13.88 -43.02 -1.16
N ASN C 163 -12.68 -43.59 -1.14
CA ASN C 163 -11.47 -42.78 -0.98
C ASN C 163 -11.18 -41.78 -2.07
N ALA C 164 -11.27 -42.18 -3.34
CA ALA C 164 -10.94 -41.28 -4.46
C ALA C 164 -11.68 -41.63 -5.70
N VAL C 165 -11.80 -40.70 -6.63
CA VAL C 165 -12.53 -40.91 -7.88
C VAL C 165 -11.65 -40.43 -9.00
N GLN C 166 -11.80 -40.95 -10.21
CA GLN C 166 -11.04 -40.44 -11.35
C GLN C 166 -11.98 -40.11 -12.47
N PRO C 167 -11.65 -39.09 -13.27
CA PRO C 167 -12.62 -38.67 -14.29
C PRO C 167 -13.00 -39.73 -15.35
N ASN C 168 -12.05 -40.51 -15.83
CA ASN C 168 -12.32 -41.51 -16.87
C ASN C 168 -13.32 -42.57 -16.45
N GLY C 169 -13.33 -42.93 -15.19
CA GLY C 169 -14.23 -43.95 -14.70
C GLY C 169 -13.65 -44.73 -13.56
N VAL C 170 -12.34 -44.87 -13.48
CA VAL C 170 -11.80 -45.70 -12.42
C VAL C 170 -12.07 -45.16 -11.00
N LEU C 171 -12.31 -46.02 -10.02
CA LEU C 171 -12.64 -45.56 -8.67
C LEU C 171 -11.80 -46.29 -7.64
N TYR C 172 -11.66 -45.77 -6.41
CA TYR C 172 -10.75 -46.39 -5.45
C TYR C 172 -11.10 -46.33 -3.97
N GLY C 173 -10.62 -47.29 -3.16
CA GLY C 173 -10.80 -47.24 -1.69
C GLY C 173 -12.06 -47.15 -0.85
N VAL C 174 -13.06 -47.99 -1.07
CA VAL C 174 -14.35 -47.83 -0.37
C VAL C 174 -14.66 -48.61 0.90
N THR C 175 -15.06 -47.91 1.97
CA THR C 175 -15.43 -48.56 3.25
C THR C 175 -16.85 -48.25 3.65
N ARG C 176 -17.67 -49.26 3.87
CA ARG C 176 -19.09 -49.00 4.15
C ARG C 176 -19.61 -49.76 5.36
N TYR C 177 -20.39 -49.11 6.21
CA TYR C 177 -20.95 -49.84 7.31
C TYR C 177 -22.46 -49.79 7.21
N ARG C 178 -23.10 -50.94 7.11
CA ARG C 178 -24.56 -51.00 6.97
C ARG C 178 -25.25 -51.45 8.23
N PHE C 179 -26.03 -50.55 8.83
CA PHE C 179 -26.70 -50.88 10.08
C PHE C 179 -28.21 -50.78 10.05
N ASP C 180 -28.88 -51.85 10.43
CA ASP C 180 -30.33 -51.82 10.53
C ASP C 180 -30.60 -51.51 11.98
N GLU C 181 -31.87 -51.37 12.39
CA GLU C 181 -32.13 -51.19 13.81
C GLU C 181 -31.61 -52.47 14.43
N GLN C 182 -31.94 -53.61 13.82
CA GLN C 182 -31.37 -54.87 14.30
C GLN C 182 -29.85 -54.96 14.05
N ARG C 183 -29.37 -54.54 12.88
CA ARG C 183 -27.92 -54.52 12.59
C ARG C 183 -27.04 -55.75 12.84
N GLY C 184 -27.44 -56.92 12.39
CA GLY C 184 -26.54 -58.05 12.58
C GLY C 184 -25.24 -57.75 11.86
N LEU C 185 -24.10 -58.01 12.50
CA LEU C 185 -22.83 -57.63 11.90
C LEU C 185 -22.38 -58.67 10.92
N GLU C 186 -23.28 -59.04 10.03
CA GLU C 186 -22.99 -60.10 9.07
C GLU C 186 -21.87 -59.73 8.15
N SER C 187 -21.82 -58.48 7.72
CA SER C 187 -20.82 -58.05 6.76
C SER C 187 -20.34 -56.67 7.09
N ALA C 188 -19.21 -56.29 6.49
CA ALA C 188 -18.62 -55.01 6.79
C ALA C 188 -18.11 -54.55 5.50
N SER C 189 -17.62 -53.33 5.41
CA SER C 189 -17.02 -52.97 4.15
C SER C 189 -15.69 -52.25 4.09
N PHE C 190 -14.75 -52.80 3.33
CA PHE C 190 -13.50 -52.12 3.07
C PHE C 190 -13.38 -52.58 1.61
N ALA C 191 -12.76 -51.81 0.71
CA ALA C 191 -12.72 -52.21 -0.69
C ALA C 191 -11.55 -51.63 -1.49
N LYS C 192 -11.29 -52.16 -2.68
CA LYS C 192 -10.24 -51.63 -3.53
C LYS C 192 -10.77 -50.93 -4.76
N ARG C 193 -10.13 -51.18 -5.89
CA ARG C 193 -10.54 -50.50 -7.11
C ARG C 193 -11.91 -50.88 -7.56
N ALA C 194 -12.63 -49.90 -8.08
CA ALA C 194 -13.97 -50.17 -8.54
C ALA C 194 -14.21 -49.53 -9.87
N ARG C 195 -13.64 -50.07 -10.93
CA ARG C 195 -13.95 -49.52 -12.22
C ARG C 195 -15.44 -49.70 -12.33
N PHE C 196 -16.14 -48.68 -12.82
CA PHE C 196 -17.58 -48.76 -12.86
C PHE C 196 -17.83 -49.91 -13.78
N GLU C 197 -18.65 -50.84 -13.34
CA GLU C 197 -18.91 -52.01 -14.16
C GLU C 197 -20.38 -52.01 -14.50
N THR C 198 -20.71 -51.47 -15.67
CA THR C 198 -22.09 -51.35 -16.07
C THR C 198 -22.81 -50.58 -15.00
N ASP C 199 -23.95 -51.07 -14.56
CA ASP C 199 -24.75 -50.40 -13.53
C ASP C 199 -24.12 -50.31 -12.15
N HIS C 200 -23.38 -51.33 -11.74
CA HIS C 200 -22.84 -51.37 -10.38
C HIS C 200 -21.34 -51.28 -10.19
N TRP C 201 -20.89 -50.44 -9.27
CA TRP C 201 -19.47 -50.38 -8.98
C TRP C 201 -19.03 -51.72 -8.44
N GLN C 202 -17.91 -52.24 -8.93
CA GLN C 202 -17.42 -53.54 -8.49
C GLN C 202 -16.37 -53.40 -7.43
N LEU C 203 -16.76 -53.60 -6.19
CA LEU C 203 -15.82 -53.47 -5.10
C LEU C 203 -14.88 -54.65 -5.14
N GLU C 204 -13.57 -54.41 -5.30
CA GLU C 204 -12.62 -55.50 -5.46
C GLU C 204 -11.85 -55.71 -4.19
N GLU C 205 -11.47 -56.96 -3.91
CA GLU C 205 -10.65 -57.24 -2.74
C GLU C 205 -11.29 -56.73 -1.48
N VAL C 206 -12.59 -56.92 -1.37
CA VAL C 206 -13.31 -56.48 -0.17
C VAL C 206 -12.97 -57.31 1.06
N THR C 207 -12.80 -56.70 2.22
CA THR C 207 -12.59 -57.50 3.42
C THR C 207 -13.82 -57.30 4.25
N THR C 208 -14.95 -57.61 3.67
CA THR C 208 -16.18 -57.51 4.40
C THR C 208 -15.96 -58.40 5.59
N THR C 209 -16.23 -57.91 6.79
CA THR C 209 -15.94 -58.71 7.98
C THR C 209 -17.19 -59.46 8.32
N LEU C 210 -17.14 -60.78 8.27
CA LEU C 210 -18.35 -61.56 8.47
C LEU C 210 -18.46 -62.25 9.80
N LEU C 211 -19.45 -61.88 10.62
CA LEU C 211 -19.54 -62.44 11.97
C LEU C 211 -20.95 -62.66 12.44
N HIS C 212 -21.14 -63.57 13.40
CA HIS C 212 -22.47 -63.70 13.98
C HIS C 212 -22.34 -62.91 15.26
N PRO C 213 -23.24 -61.94 15.46
CA PRO C 213 -23.08 -61.05 16.61
C PRO C 213 -23.09 -61.65 17.99
N ARG C 214 -24.06 -62.51 18.28
CA ARG C 214 -24.12 -63.02 19.65
C ARG C 214 -22.95 -63.90 20.02
N GLU C 215 -22.55 -64.81 19.14
CA GLU C 215 -21.50 -65.75 19.52
C GLU C 215 -20.45 -66.26 18.53
N LYS C 216 -20.24 -65.62 17.39
CA LYS C 216 -19.34 -66.21 16.38
C LYS C 216 -18.20 -65.40 15.79
N ARG C 217 -17.23 -66.10 15.21
CA ARG C 217 -16.05 -65.45 14.65
C ARG C 217 -16.25 -64.63 13.39
N SER C 218 -15.37 -63.65 13.17
CA SER C 218 -15.47 -62.80 11.98
C SER C 218 -14.45 -63.12 10.89
N GLU C 219 -14.94 -63.37 9.68
CA GLU C 219 -14.06 -63.76 8.58
C GLU C 219 -14.24 -62.84 7.40
N VAL C 220 -13.18 -62.56 6.69
CA VAL C 220 -13.28 -61.62 5.60
C VAL C 220 -13.28 -62.31 4.26
N VAL C 221 -14.26 -61.97 3.44
CA VAL C 221 -14.33 -62.57 2.12
C VAL C 221 -14.11 -61.54 1.03
N LYS C 222 -13.15 -61.79 0.15
CA LYS C 222 -12.82 -60.84 -0.91
C LYS C 222 -13.25 -61.32 -2.28
N LEU C 223 -14.01 -60.49 -2.97
CA LEU C 223 -14.48 -60.84 -4.29
C LEU C 223 -14.06 -59.74 -5.20
N PRO C 224 -13.50 -60.08 -6.37
CA PRO C 224 -13.07 -59.06 -7.33
C PRO C 224 -14.24 -58.60 -8.16
N THR C 225 -15.37 -59.30 -8.09
CA THR C 225 -16.57 -58.90 -8.82
C THR C 225 -17.69 -58.41 -7.91
N GLU C 226 -17.41 -58.27 -6.62
CA GLU C 226 -18.45 -57.89 -5.68
C GLU C 226 -18.99 -56.57 -6.12
N ARG C 227 -20.31 -56.39 -6.11
CA ARG C 227 -20.90 -55.14 -6.64
C ARG C 227 -21.76 -54.32 -5.70
N TRP C 228 -21.52 -53.02 -5.64
CA TRP C 228 -22.42 -52.17 -4.88
C TRP C 228 -23.11 -51.34 -5.97
N ASP C 229 -24.42 -51.41 -6.05
CA ASP C 229 -25.15 -50.71 -7.12
C ASP C 229 -25.13 -49.20 -6.95
N ALA C 230 -25.31 -48.45 -8.02
CA ALA C 230 -25.14 -47.00 -7.92
C ALA C 230 -26.24 -46.04 -7.48
N GLN C 231 -26.27 -45.68 -6.20
CA GLN C 231 -27.17 -44.63 -5.76
C GLN C 231 -26.56 -43.40 -6.39
N LEU C 232 -25.22 -43.33 -6.41
CA LEU C 232 -24.54 -42.23 -7.08
C LEU C 232 -23.87 -42.66 -8.39
N SER C 233 -24.23 -42.01 -9.49
CA SER C 233 -23.69 -42.33 -10.82
C SER C 233 -22.40 -41.63 -11.05
N PRO C 234 -21.69 -41.99 -12.11
CA PRO C 234 -20.38 -41.35 -12.24
C PRO C 234 -20.36 -39.83 -12.39
N GLN C 235 -21.22 -39.26 -13.20
CA GLN C 235 -21.15 -37.81 -13.40
C GLN C 235 -21.45 -37.09 -12.12
N LEU C 236 -22.46 -37.56 -11.41
CA LEU C 236 -22.85 -36.90 -10.18
C LEU C 236 -21.66 -37.01 -9.29
N LEU C 237 -20.96 -38.13 -9.32
CA LEU C 237 -19.76 -38.26 -8.54
C LEU C 237 -18.70 -37.24 -8.90
N ASN C 238 -18.55 -36.89 -10.18
CA ASN C 238 -17.60 -35.83 -10.50
C ASN C 238 -18.04 -34.50 -9.90
N THR C 239 -19.34 -34.19 -9.95
CA THR C 239 -19.80 -32.88 -9.51
C THR C 239 -19.79 -32.76 -7.99
N VAL C 240 -20.17 -33.82 -7.27
CA VAL C 240 -20.32 -33.72 -5.83
C VAL C 240 -18.98 -33.48 -5.14
N VAL C 241 -17.92 -34.15 -5.63
CA VAL C 241 -16.61 -33.98 -5.00
C VAL C 241 -16.06 -32.58 -5.24
N MET C 242 -16.32 -32.03 -6.43
CA MET C 242 -15.77 -30.72 -6.78
C MET C 242 -16.37 -29.63 -5.90
N GLU C 243 -15.53 -28.66 -5.54
CA GLU C 243 -16.02 -27.46 -4.88
C GLU C 243 -16.99 -26.74 -5.80
N PRO C 244 -18.10 -26.22 -5.28
CA PRO C 244 -19.09 -25.57 -6.16
C PRO C 244 -18.52 -24.38 -6.93
N GLU C 245 -17.49 -23.73 -6.42
CA GLU C 245 -16.89 -22.61 -7.15
C GLU C 245 -16.09 -23.09 -8.35
N ALA C 246 -15.61 -24.33 -8.33
CA ALA C 246 -14.78 -24.84 -9.41
C ALA C 246 -15.58 -25.41 -10.57
N LEU C 247 -16.90 -25.53 -10.43
CA LEU C 247 -17.74 -26.01 -11.53
C LEU C 247 -17.95 -24.91 -12.57
N SER C 248 -18.08 -25.32 -13.83
CA SER C 248 -18.38 -24.38 -14.89
C SER C 248 -19.83 -23.90 -14.78
N ILE C 249 -20.12 -22.79 -15.46
CA ILE C 249 -21.46 -22.21 -15.43
C ILE C 249 -22.47 -23.16 -16.04
N SER C 250 -22.13 -23.75 -17.18
CA SER C 250 -23.01 -24.74 -17.81
C SER C 250 -23.17 -26.00 -16.97
N GLY C 251 -22.25 -26.25 -16.04
CA GLY C 251 -22.37 -27.36 -15.13
C GLY C 251 -23.14 -26.98 -13.88
N LEU C 252 -22.90 -25.76 -13.40
CA LEU C 252 -23.66 -25.24 -12.26
C LEU C 252 -25.14 -25.14 -12.55
N TRP C 253 -25.53 -24.66 -13.73
CA TRP C 253 -26.93 -24.60 -14.11
C TRP C 253 -27.59 -25.98 -14.14
N GLN C 254 -26.93 -26.96 -14.74
CA GLN C 254 -27.46 -28.31 -14.78
C GLN C 254 -27.57 -28.90 -13.38
N TYR C 255 -26.56 -28.69 -12.54
CA TYR C 255 -26.63 -29.24 -11.18
C TYR C 255 -27.68 -28.52 -10.35
N ILE C 256 -27.83 -27.20 -10.54
CA ILE C 256 -28.88 -26.48 -9.83
C ILE C 256 -30.24 -27.02 -10.19
N HIS C 257 -30.48 -27.24 -11.49
CA HIS C 257 -31.80 -27.72 -11.90
C HIS C 257 -32.01 -29.18 -11.49
N TYR C 258 -30.94 -29.98 -11.50
CA TYR C 258 -31.04 -31.35 -11.00
C TYR C 258 -31.42 -31.38 -9.52
N LEU C 259 -30.79 -30.52 -8.71
CA LEU C 259 -31.16 -30.45 -7.30
C LEU C 259 -32.57 -29.90 -7.11
N ALA C 260 -33.00 -29.02 -8.00
CA ALA C 260 -34.37 -28.53 -7.95
C ALA C 260 -35.37 -29.65 -8.22
N ASP C 261 -35.03 -30.56 -9.14
CA ASP C 261 -35.93 -31.66 -9.45
C ASP C 261 -36.09 -32.59 -8.26
N GLN C 262 -34.99 -32.91 -7.57
CA GLN C 262 -35.03 -33.86 -6.47
C GLN C 262 -35.48 -33.25 -5.16
N GLY C 263 -35.69 -31.92 -5.12
CA GLY C 263 -36.16 -31.28 -3.92
C GLY C 263 -35.09 -30.89 -2.93
N LEU C 264 -33.82 -31.21 -3.19
CA LEU C 264 -32.76 -30.80 -2.30
C LEU C 264 -32.48 -29.30 -2.45
N ASN C 265 -31.88 -28.73 -1.40
CA ASN C 265 -31.59 -27.30 -1.38
C ASN C 265 -30.38 -27.01 -2.26
N ASN C 266 -30.53 -26.03 -3.15
CA ASN C 266 -29.47 -25.62 -4.06
C ASN C 266 -29.05 -24.16 -3.85
N ASN C 267 -29.35 -23.60 -2.68
CA ASN C 267 -29.05 -22.19 -2.45
C ASN C 267 -27.55 -21.92 -2.41
N ARG C 268 -26.76 -22.92 -2.01
CA ARG C 268 -25.31 -22.73 -2.05
C ARG C 268 -24.81 -22.70 -3.49
N TYR C 269 -25.51 -23.37 -4.41
CA TYR C 269 -25.08 -23.41 -5.79
C TYR C 269 -25.56 -22.21 -6.60
N TRP C 270 -26.50 -21.42 -6.08
CA TRP C 270 -26.87 -20.16 -6.71
C TRP C 270 -25.81 -19.09 -6.51
N LEU C 271 -25.17 -19.05 -5.35
CA LEU C 271 -24.18 -18.03 -5.08
C LEU C 271 -22.99 -18.15 -6.02
N ALA C 272 -22.51 -19.37 -6.26
CA ALA C 272 -21.41 -19.57 -7.19
C ALA C 272 -21.80 -19.20 -8.62
N PHE C 273 -23.01 -19.55 -9.02
CA PHE C 273 -23.50 -19.19 -10.36
C PHE C 273 -23.52 -17.68 -10.53
N TRP C 274 -24.09 -16.97 -9.55
CA TRP C 274 -24.15 -15.52 -9.64
C TRP C 274 -22.76 -14.90 -9.62
N THR C 275 -21.86 -15.45 -8.80
CA THR C 275 -20.50 -14.92 -8.74
C THR C 275 -19.77 -15.08 -10.07
N LYS C 276 -19.92 -16.24 -10.71
CA LYS C 276 -19.25 -16.44 -11.99
C LYS C 276 -19.95 -15.73 -13.14
N VAL C 277 -21.21 -15.36 -12.99
CA VAL C 277 -21.92 -14.64 -14.05
C VAL C 277 -21.77 -13.13 -13.91
N LEU C 278 -21.94 -12.60 -12.70
CA LEU C 278 -21.88 -11.17 -12.47
C LEU C 278 -20.45 -10.66 -12.27
N GLN C 279 -19.44 -11.50 -12.47
CA GLN C 279 -18.07 -11.04 -12.30
C GLN C 279 -17.68 -9.87 -13.19
N PRO C 280 -18.04 -9.83 -14.48
CA PRO C 280 -17.73 -8.63 -15.27
C PRO C 280 -18.31 -7.35 -14.69
N LEU C 281 -19.53 -7.39 -14.16
CA LEU C 281 -20.11 -6.18 -13.57
C LEU C 281 -19.35 -5.77 -12.31
N VAL C 282 -18.89 -6.75 -11.52
CA VAL C 282 -18.10 -6.41 -10.33
C VAL C 282 -16.77 -5.80 -10.73
N THR C 283 -16.12 -6.34 -11.76
CA THR C 283 -14.87 -5.74 -12.24
C THR C 283 -15.12 -4.32 -12.75
N ALA C 284 -16.21 -4.10 -13.47
CA ALA C 284 -16.52 -2.77 -13.96
C ALA C 284 -16.75 -1.79 -12.81
N ALA C 285 -17.48 -2.23 -11.78
CA ALA C 285 -17.68 -1.36 -10.62
C ALA C 285 -16.38 -1.04 -9.91
N LEU C 286 -15.52 -2.04 -9.74
CA LEU C 286 -14.24 -1.81 -9.07
C LEU C 286 -13.37 -0.84 -9.86
N VAL C 287 -13.31 -1.01 -11.18
CA VAL C 287 -12.45 -0.11 -11.96
C VAL C 287 -13.06 1.28 -12.06
N LEU C 288 -14.39 1.39 -12.04
CA LEU C 288 -15.02 2.71 -11.97
C LEU C 288 -14.64 3.41 -10.67
N MET C 289 -14.67 2.67 -9.55
CA MET C 289 -14.26 3.26 -8.28
C MET C 289 -12.78 3.65 -8.29
N ALA C 290 -11.94 2.84 -8.94
CA ALA C 290 -10.53 3.18 -9.04
C ALA C 290 -10.30 4.45 -9.84
N ILE C 291 -10.99 4.57 -10.98
CA ILE C 291 -10.89 5.80 -11.78
C ILE C 291 -11.38 7.00 -10.97
N SER C 292 -12.43 6.79 -10.18
CA SER C 292 -12.92 7.85 -9.31
C SER C 292 -11.86 8.25 -8.28
N PHE C 293 -11.15 7.26 -7.72
CA PHE C 293 -10.10 7.57 -6.76
C PHE C 293 -8.98 8.36 -7.40
N ILE C 294 -8.59 8.01 -8.63
CA ILE C 294 -7.48 8.69 -9.28
C ILE C 294 -7.81 10.17 -9.50
N PHE C 295 -9.02 10.46 -9.95
CA PHE C 295 -9.40 11.84 -10.20
C PHE C 295 -9.60 12.65 -8.93
N GLY C 296 -9.64 12.00 -7.76
CA GLY C 296 -9.93 12.69 -6.52
C GLY C 296 -8.79 12.64 -5.53
N PRO C 297 -8.95 11.85 -4.47
CA PRO C 297 -7.95 11.86 -3.38
C PRO C 297 -6.54 11.47 -3.80
N LEU C 298 -6.40 10.54 -4.74
CA LEU C 298 -5.10 9.99 -5.10
C LEU C 298 -4.55 10.58 -6.39
N ARG C 299 -4.84 11.85 -6.67
CA ARG C 299 -4.34 12.46 -7.89
C ARG C 299 -2.85 12.77 -7.80
N SER C 300 -2.37 13.16 -6.62
CA SER C 300 -1.00 13.64 -6.46
C SER C 300 -0.16 12.76 -5.54
N VAL C 301 -0.70 11.67 -5.02
CA VAL C 301 0.05 10.79 -4.12
C VAL C 301 1.01 9.95 -4.94
N THR C 302 1.95 9.29 -4.27
CA THR C 302 2.97 8.50 -4.94
C THR C 302 2.46 7.10 -5.25
N LEU C 303 3.32 6.30 -5.89
CA LEU C 303 2.93 4.94 -6.27
C LEU C 303 2.67 4.07 -5.06
N GLY C 304 3.49 4.20 -4.01
CA GLY C 304 3.31 3.38 -2.83
C GLY C 304 1.96 3.58 -2.17
N GLN C 305 1.54 4.84 -2.05
CA GLN C 305 0.24 5.12 -1.43
C GLN C 305 -0.90 4.54 -2.26
N ARG C 306 -0.80 4.64 -3.59
CA ARG C 306 -1.84 4.08 -4.45
C ARG C 306 -1.91 2.57 -4.31
N ILE C 307 -0.77 1.90 -4.31
CA ILE C 307 -0.77 0.44 -4.15
C ILE C 307 -1.33 0.05 -2.79
N PHE C 308 -0.94 0.76 -1.73
CA PHE C 308 -1.44 0.47 -0.40
C PHE C 308 -2.94 0.72 -0.31
N THR C 309 -3.42 1.83 -0.86
CA THR C 309 -4.84 2.11 -0.84
C THR C 309 -5.60 1.02 -1.57
N GLY C 310 -5.09 0.60 -2.72
CA GLY C 310 -5.74 -0.44 -3.49
C GLY C 310 -5.88 -1.73 -2.71
N VAL C 311 -4.81 -2.18 -2.08
CA VAL C 311 -4.85 -3.42 -1.32
C VAL C 311 -5.85 -3.33 -0.19
N LEU C 312 -5.82 -2.23 0.55
CA LEU C 312 -6.72 -2.09 1.68
C LEU C 312 -8.19 -2.14 1.26
N VAL C 313 -8.55 -1.40 0.21
CA VAL C 313 -9.93 -1.42 -0.28
C VAL C 313 -10.28 -2.79 -0.82
N GLY C 314 -9.35 -3.40 -1.55
CA GLY C 314 -9.59 -4.71 -2.09
C GLY C 314 -9.85 -5.74 -1.00
N PHE C 315 -9.05 -5.71 0.07
CA PHE C 315 -9.25 -6.63 1.17
C PHE C 315 -10.63 -6.46 1.76
N VAL C 316 -11.03 -5.22 2.02
CA VAL C 316 -12.32 -4.98 2.62
C VAL C 316 -13.42 -5.54 1.71
N PHE C 317 -13.25 -5.42 0.41
CA PHE C 317 -14.23 -5.96 -0.52
C PHE C 317 -14.34 -7.46 -0.40
N ARG C 318 -13.22 -8.16 -0.49
CA ARG C 318 -13.25 -9.60 -0.43
C ARG C 318 -13.88 -10.07 0.87
N ILE C 319 -13.48 -9.48 1.99
CA ILE C 319 -13.99 -9.90 3.29
C ILE C 319 -15.48 -9.63 3.35
N ALA C 320 -15.93 -8.53 2.77
CA ALA C 320 -17.36 -8.26 2.74
C ALA C 320 -18.07 -9.34 1.97
N GLN C 321 -17.57 -9.65 0.78
CA GLN C 321 -18.18 -10.68 -0.02
C GLN C 321 -18.09 -12.00 0.70
N ASP C 322 -17.21 -12.11 1.70
CA ASP C 322 -17.20 -13.34 2.47
C ASP C 322 -18.06 -13.27 3.73
N LEU C 323 -18.33 -12.08 4.26
CA LEU C 323 -19.39 -11.96 5.26
C LEU C 323 -20.76 -12.16 4.64
N LEU C 324 -21.01 -11.49 3.52
CA LEU C 324 -22.35 -11.49 2.93
C LEU C 324 -22.67 -12.77 2.17
N GLY C 325 -21.67 -13.57 1.82
CA GLY C 325 -21.90 -14.78 1.06
C GLY C 325 -22.61 -15.87 1.83
N PRO C 326 -21.93 -16.47 2.81
CA PRO C 326 -22.54 -17.53 3.60
C PRO C 326 -23.57 -17.07 4.61
N SER C 327 -23.80 -15.75 4.73
CA SER C 327 -24.87 -15.26 5.57
C SER C 327 -26.23 -15.37 4.90
N SER C 328 -26.27 -15.65 3.60
CA SER C 328 -27.54 -15.85 2.92
C SER C 328 -28.19 -17.16 3.33
N LEU C 329 -27.42 -18.10 3.88
CA LEU C 329 -27.98 -19.35 4.36
C LEU C 329 -28.33 -19.27 5.84
N VAL C 330 -27.52 -18.56 6.63
CA VAL C 330 -27.83 -18.38 8.04
C VAL C 330 -29.09 -17.54 8.21
N PHE C 331 -29.15 -16.41 7.50
CA PHE C 331 -30.32 -15.55 7.50
C PHE C 331 -30.95 -15.60 6.11
N ASP C 332 -32.28 -15.78 6.06
CA ASP C 332 -32.96 -16.07 4.82
C ASP C 332 -33.16 -14.79 4.01
N PHE C 333 -32.22 -14.50 3.13
CA PHE C 333 -32.36 -13.49 2.10
C PHE C 333 -31.75 -14.03 0.82
N PRO C 334 -32.21 -13.58 -0.34
CA PRO C 334 -31.77 -14.18 -1.60
C PRO C 334 -30.26 -14.10 -1.78
N PRO C 335 -29.65 -15.15 -2.32
CA PRO C 335 -28.19 -15.13 -2.51
C PRO C 335 -27.72 -14.14 -3.55
N LEU C 336 -28.63 -13.62 -4.40
CA LEU C 336 -28.24 -12.64 -5.41
C LEU C 336 -27.70 -11.37 -4.76
N LEU C 337 -28.32 -10.94 -3.67
CA LEU C 337 -27.88 -9.72 -2.99
C LEU C 337 -26.45 -9.85 -2.50
N ALA C 338 -26.01 -11.07 -2.16
CA ALA C 338 -24.68 -11.26 -1.63
C ALA C 338 -23.61 -10.78 -2.61
N VAL C 339 -23.83 -10.96 -3.90
CA VAL C 339 -22.90 -10.46 -4.89
C VAL C 339 -23.30 -9.08 -5.42
N VAL C 340 -24.59 -8.75 -5.41
CA VAL C 340 -25.02 -7.46 -5.94
C VAL C 340 -24.61 -6.30 -5.03
N ILE C 341 -24.77 -6.43 -3.72
CA ILE C 341 -24.64 -5.30 -2.80
C ILE C 341 -23.25 -4.66 -2.81
N PRO C 342 -22.14 -5.39 -2.64
CA PRO C 342 -20.85 -4.71 -2.53
C PRO C 342 -20.43 -4.01 -3.83
N ALA C 343 -20.67 -4.65 -4.98
CA ALA C 343 -20.36 -4.00 -6.24
C ALA C 343 -21.20 -2.73 -6.44
N SER C 344 -22.48 -2.79 -6.06
CA SER C 344 -23.32 -1.61 -6.15
C SER C 344 -22.83 -0.50 -5.24
N ILE C 345 -22.39 -0.84 -4.04
CA ILE C 345 -21.86 0.17 -3.11
C ILE C 345 -20.62 0.82 -3.68
N CYS C 346 -19.71 0.01 -4.23
CA CYS C 346 -18.50 0.56 -4.82
C CYS C 346 -18.82 1.47 -6.00
N ALA C 347 -19.76 1.05 -6.86
CA ALA C 347 -20.14 1.87 -8.00
C ALA C 347 -20.76 3.18 -7.56
N LEU C 348 -21.63 3.14 -6.55
CA LEU C 348 -22.25 4.37 -6.06
C LEU C 348 -21.22 5.32 -5.46
N ALA C 349 -20.28 4.78 -4.69
CA ALA C 349 -19.23 5.63 -4.13
C ALA C 349 -18.39 6.26 -5.23
N GLY C 350 -18.05 5.48 -6.26
CA GLY C 350 -17.31 6.04 -7.38
C GLY C 350 -18.06 7.12 -8.11
N VAL C 351 -19.37 6.91 -8.34
CA VAL C 351 -20.19 7.90 -9.02
C VAL C 351 -20.26 9.18 -8.20
N TRP C 352 -20.44 9.06 -6.89
CA TRP C 352 -20.49 10.25 -6.03
C TRP C 352 -19.18 11.01 -6.07
N LEU C 353 -18.05 10.31 -5.91
CA LEU C 353 -16.77 10.99 -5.89
C LEU C 353 -16.40 11.56 -7.26
N LEU C 354 -16.94 10.98 -8.33
CA LEU C 354 -16.76 11.58 -9.65
C LEU C 354 -17.61 12.83 -9.79
N ARG C 355 -18.83 12.81 -9.25
CA ARG C 355 -19.69 13.99 -9.31
C ARG C 355 -19.09 15.15 -8.55
N ARG C 356 -18.47 14.93 -7.40
CA ARG C 356 -17.88 16.08 -6.72
C ARG C 356 -16.66 16.62 -7.47
N ALA C 357 -15.90 15.74 -8.13
CA ALA C 357 -14.76 16.20 -8.95
C ALA C 357 -13.81 17.07 -8.14
N MET D 4 16.15 15.05 25.60
CA MET D 4 15.05 14.47 26.37
C MET D 4 13.70 14.95 25.86
N ILE D 5 13.71 16.00 25.04
CA ILE D 5 12.49 16.52 24.44
C ILE D 5 12.22 15.76 23.14
N VAL D 6 13.29 15.43 22.42
CA VAL D 6 13.14 14.57 21.25
C VAL D 6 12.74 13.15 21.67
N PHE D 7 13.17 12.73 22.86
CA PHE D 7 12.80 11.41 23.35
C PHE D 7 11.29 11.28 23.50
N ARG D 8 10.65 12.22 24.19
CA ARG D 8 9.18 12.22 24.25
C ARG D 8 8.59 13.01 23.10
N TYR D 9 9.12 12.80 21.91
CA TYR D 9 8.50 13.20 20.65
C TYR D 9 8.43 11.96 19.79
N LEU D 10 9.58 11.28 19.71
CA LEU D 10 9.68 10.01 19.00
C LEU D 10 9.09 8.85 19.78
N SER D 11 8.90 8.98 21.09
CA SER D 11 8.20 7.97 21.86
C SER D 11 6.73 8.28 22.04
N ARG D 12 6.24 9.31 21.37
CA ARG D 12 4.82 9.67 21.37
C ARG D 12 4.19 9.43 20.01
N GLU D 13 4.82 9.94 18.94
CA GLU D 13 4.27 9.71 17.61
C GLU D 13 4.27 8.23 17.26
N VAL D 14 5.35 7.53 17.63
CA VAL D 14 5.44 6.09 17.38
C VAL D 14 4.33 5.35 18.09
N LEU D 15 4.08 5.70 19.36
CA LEU D 15 3.04 5.01 20.12
C LEU D 15 1.66 5.25 19.52
N VAL D 16 1.37 6.49 19.12
CA VAL D 16 0.05 6.79 18.56
C VAL D 16 -0.16 6.04 17.25
N THR D 17 0.85 6.06 16.36
CA THR D 17 0.72 5.35 15.10
C THR D 17 0.60 3.85 15.30
N MET D 18 1.35 3.31 16.28
CA MET D 18 1.22 1.90 16.61
C MET D 18 -0.19 1.56 17.07
N SER D 19 -0.77 2.41 17.92
CA SER D 19 -2.13 2.18 18.37
C SER D 19 -3.11 2.12 17.20
N ALA D 20 -3.02 3.09 16.29
CA ALA D 20 -3.96 3.12 15.17
C ALA D 20 -3.80 1.88 14.28
N VAL D 21 -2.54 1.55 13.93
CA VAL D 21 -2.30 0.41 13.05
C VAL D 21 -2.75 -0.88 13.71
N SER D 22 -2.51 -1.02 15.01
CA SER D 22 -2.93 -2.23 15.71
C SER D 22 -4.45 -2.35 15.73
N ALA D 23 -5.16 -1.23 15.91
CA ALA D 23 -6.61 -1.29 15.88
C ALA D 23 -7.11 -1.76 14.52
N VAL D 24 -6.55 -1.22 13.44
CA VAL D 24 -6.98 -1.61 12.10
C VAL D 24 -6.70 -3.10 11.85
N LEU D 25 -5.50 -3.56 12.21
CA LEU D 25 -5.14 -4.95 12.00
C LEU D 25 -6.03 -5.88 12.82
N LEU D 26 -6.34 -5.49 14.06
CA LEU D 26 -7.24 -6.30 14.88
C LEU D 26 -8.60 -6.42 14.23
N VAL D 27 -9.12 -5.32 13.67
CA VAL D 27 -10.42 -5.37 13.00
C VAL D 27 -10.37 -6.34 11.82
N ILE D 28 -9.31 -6.26 11.02
CA ILE D 28 -9.23 -7.12 9.83
C ILE D 28 -9.15 -8.59 10.23
N ILE D 29 -8.31 -8.92 11.23
CA ILE D 29 -8.16 -10.31 11.63
C ILE D 29 -9.44 -10.85 12.26
N MET D 30 -10.11 -10.02 13.07
CA MET D 30 -11.39 -10.43 13.63
C MET D 30 -12.40 -10.73 12.53
N SER D 31 -12.43 -9.89 11.49
CA SER D 31 -13.36 -10.12 10.39
C SER D 31 -13.05 -11.42 9.67
N GLY D 32 -11.77 -11.71 9.42
CA GLY D 32 -11.42 -12.95 8.74
C GLY D 32 -11.79 -14.19 9.53
N ARG D 33 -11.45 -14.19 10.82
CA ARG D 33 -11.85 -15.33 11.66
C ARG D 33 -13.36 -15.44 11.72
N PHE D 34 -14.06 -14.31 11.68
CA PHE D 34 -15.52 -14.33 11.68
C PHE D 34 -16.06 -14.98 10.41
N ILE D 35 -15.46 -14.70 9.25
CA ILE D 35 -15.95 -15.34 8.03
C ILE D 35 -15.73 -16.84 8.11
N LYS D 36 -14.60 -17.27 8.67
CA LYS D 36 -14.34 -18.70 8.76
C LYS D 36 -15.37 -19.38 9.66
N TYR D 37 -15.59 -18.83 10.86
CA TYR D 37 -16.55 -19.45 11.77
C TYR D 37 -17.97 -19.33 11.26
N LEU D 38 -18.35 -18.28 10.55
CA LEU D 38 -19.75 -18.12 10.12
C LEU D 38 -20.19 -19.27 9.25
N ALA D 39 -19.35 -19.70 8.34
CA ALA D 39 -19.74 -20.74 7.41
C ALA D 39 -20.07 -22.07 8.01
N GLN D 40 -19.31 -22.49 9.00
CA GLN D 40 -19.58 -23.76 9.68
C GLN D 40 -20.94 -23.64 10.32
N ALA D 41 -21.26 -22.48 10.86
CA ALA D 41 -22.58 -22.30 11.41
C ALA D 41 -23.70 -22.44 10.36
N ALA D 42 -23.46 -22.00 9.12
CA ALA D 42 -24.45 -22.17 8.03
C ALA D 42 -24.65 -23.63 7.79
N GLN D 43 -23.59 -24.39 7.88
CA GLN D 43 -23.76 -25.82 7.79
C GLN D 43 -24.48 -26.35 9.05
N GLY D 44 -24.54 -25.55 10.12
CA GLY D 44 -25.17 -25.98 11.37
C GLY D 44 -24.24 -26.58 12.40
N LEU D 45 -22.95 -26.66 12.07
CA LEU D 45 -21.97 -27.23 12.98
C LEU D 45 -21.68 -26.39 14.20
N LEU D 46 -22.11 -25.13 14.24
CA LEU D 46 -21.83 -24.22 15.35
C LEU D 46 -23.09 -23.48 15.72
N ASP D 47 -23.08 -22.80 16.85
CA ASP D 47 -24.24 -22.02 17.21
C ASP D 47 -24.24 -20.58 16.67
N PRO D 48 -25.07 -20.26 15.66
CA PRO D 48 -25.18 -18.86 15.19
C PRO D 48 -25.30 -17.86 16.33
N GLY D 49 -25.89 -18.25 17.45
CA GLY D 49 -26.05 -17.35 18.58
C GLY D 49 -24.87 -17.25 19.52
N SER D 50 -23.89 -18.13 19.38
CA SER D 50 -22.71 -18.14 20.25
C SER D 50 -21.44 -17.73 19.50
N LEU D 51 -21.57 -16.83 18.52
CA LEU D 51 -20.44 -16.38 17.73
C LEU D 51 -19.78 -15.13 18.30
N PHE D 52 -20.33 -14.56 19.36
CA PHE D 52 -19.76 -13.38 20.01
C PHE D 52 -18.84 -13.74 21.16
N LEU D 53 -19.20 -14.74 21.97
CA LEU D 53 -18.35 -15.14 23.08
C LEU D 53 -17.01 -15.66 22.59
N ILE D 54 -17.00 -16.42 21.49
CA ILE D 54 -15.76 -16.97 20.97
C ILE D 54 -14.84 -15.85 20.48
N MET D 55 -15.39 -14.89 19.74
CA MET D 55 -14.61 -13.75 19.29
C MET D 55 -14.15 -12.87 20.45
N ALA D 56 -14.90 -12.81 21.54
CA ALA D 56 -14.46 -12.07 22.72
C ALA D 56 -13.37 -12.81 23.49
N PHE D 57 -13.37 -14.13 23.48
CA PHE D 57 -12.36 -14.92 24.18
C PHE D 57 -11.10 -15.13 23.36
N ARG D 58 -11.15 -14.94 22.05
CA ARG D 58 -9.97 -15.13 21.21
C ARG D 58 -9.21 -13.83 20.97
N ILE D 59 -9.58 -12.74 21.64
CA ILE D 59 -8.87 -11.46 21.44
C ILE D 59 -7.41 -11.52 21.83
N PRO D 60 -7.02 -12.10 22.98
CA PRO D 60 -5.58 -12.07 23.34
C PRO D 60 -4.64 -12.65 22.30
N GLY D 61 -5.00 -13.77 21.65
CA GLY D 61 -4.09 -14.34 20.68
C GLY D 61 -3.88 -13.44 19.47
N PHE D 62 -4.97 -12.92 18.92
CA PHE D 62 -4.86 -12.00 17.79
C PHE D 62 -4.07 -10.76 18.21
N LEU D 63 -4.35 -10.24 19.40
CA LEU D 63 -3.68 -9.02 19.84
C LEU D 63 -2.19 -9.24 20.02
N GLN D 64 -1.79 -10.40 20.54
CA GLN D 64 -0.37 -10.67 20.73
C GLN D 64 0.32 -10.90 19.40
N LEU D 65 -0.37 -11.48 18.41
CA LEU D 65 0.28 -11.65 17.12
C LEU D 65 0.25 -10.39 16.28
N ILE D 66 -0.58 -9.42 16.65
CA ILE D 66 -0.71 -8.19 15.87
C ILE D 66 0.18 -7.08 16.40
N LEU D 67 0.30 -6.96 17.73
CA LEU D 67 1.00 -5.82 18.30
C LEU D 67 2.43 -5.65 17.79
N PRO D 68 3.26 -6.70 17.64
CA PRO D 68 4.56 -6.49 16.98
C PRO D 68 4.44 -5.91 15.58
N LEU D 69 3.49 -6.38 14.78
CA LEU D 69 3.28 -5.79 13.46
C LEU D 69 2.79 -4.35 13.57
N GLY D 70 1.94 -4.09 14.57
CA GLY D 70 1.52 -2.71 14.80
C GLY D 70 2.69 -1.80 15.07
N LEU D 71 3.61 -2.24 15.92
CA LEU D 71 4.80 -1.44 16.21
C LEU D 71 5.69 -1.28 14.99
N PHE D 72 5.83 -2.34 14.20
CA PHE D 72 6.66 -2.29 12.99
C PHE D 72 6.12 -1.24 12.03
N LEU D 73 4.82 -1.31 11.71
CA LEU D 73 4.23 -0.35 10.81
C LEU D 73 4.18 1.04 11.42
N GLY D 74 3.99 1.15 12.73
CA GLY D 74 3.96 2.46 13.36
C GLY D 74 5.30 3.16 13.28
N ILE D 75 6.38 2.43 13.56
CA ILE D 75 7.72 3.01 13.44
C ILE D 75 7.97 3.41 11.99
N LEU D 76 7.64 2.53 11.04
CA LEU D 76 7.85 2.86 9.64
C LEU D 76 7.13 4.14 9.25
N LEU D 77 5.83 4.22 9.56
CA LEU D 77 5.04 5.38 9.14
C LEU D 77 5.49 6.65 9.85
N ALA D 78 5.70 6.60 11.16
CA ALA D 78 6.06 7.81 11.89
C ALA D 78 7.42 8.34 11.45
N TYR D 79 8.42 7.46 11.37
CA TYR D 79 9.74 7.93 10.98
C TYR D 79 9.78 8.34 9.51
N GLY D 80 8.99 7.69 8.65
CA GLY D 80 8.90 8.15 7.28
C GLY D 80 8.28 9.53 7.19
N ARG D 81 7.25 9.80 8.00
CA ARG D 81 6.66 11.12 8.04
C ARG D 81 7.68 12.16 8.49
N LEU D 82 8.46 11.85 9.53
CA LEU D 82 9.48 12.79 9.96
C LEU D 82 10.54 13.02 8.88
N TYR D 83 10.92 11.95 8.18
CA TYR D 83 11.91 12.10 7.11
C TYR D 83 11.39 12.95 5.97
N LEU D 84 10.11 12.82 5.62
CA LEU D 84 9.55 13.55 4.50
C LEU D 84 9.35 15.04 4.78
N GLU D 85 9.17 15.42 6.05
CA GLU D 85 9.00 16.82 6.41
C GLU D 85 10.29 17.49 6.85
N SER D 86 11.44 16.83 6.63
CA SER D 86 12.76 17.36 6.97
C SER D 86 12.93 17.57 8.47
N GLU D 87 12.13 16.92 9.28
CA GLU D 87 12.25 16.99 10.73
C GLU D 87 13.37 16.11 11.27
N MET D 88 13.93 15.23 10.45
CA MET D 88 15.04 14.39 10.87
C MET D 88 16.36 14.75 10.20
N THR D 89 16.32 15.41 9.03
CA THR D 89 17.54 15.91 8.43
C THR D 89 18.20 16.96 9.33
N VAL D 90 17.39 17.80 9.97
CA VAL D 90 17.93 18.77 10.93
C VAL D 90 18.27 18.13 12.27
N LEU D 91 17.72 16.95 12.57
CA LEU D 91 18.14 16.25 13.78
C LEU D 91 19.51 15.62 13.57
N SER D 92 19.74 15.01 12.40
CA SER D 92 21.06 14.48 12.11
C SER D 92 22.10 15.59 11.97
N ALA D 93 21.74 16.70 11.34
CA ALA D 93 22.64 17.83 11.13
C ALA D 93 22.93 18.60 12.39
N THR D 94 22.50 18.14 13.56
CA THR D 94 22.82 18.78 14.81
C THR D 94 23.64 17.89 15.75
N GLY D 95 23.78 16.61 15.45
CA GLY D 95 24.61 15.75 16.27
C GLY D 95 23.98 14.42 16.64
N MET D 96 22.68 14.27 16.42
CA MET D 96 22.00 13.04 16.79
C MET D 96 22.49 11.89 15.90
N SER D 97 22.95 10.82 16.54
CA SER D 97 23.54 9.69 15.83
C SER D 97 22.43 8.85 15.22
N GLN D 98 22.81 7.70 14.65
CA GLN D 98 21.85 6.68 14.28
C GLN D 98 21.80 5.54 15.28
N LYS D 99 22.80 5.44 16.16
CA LYS D 99 22.72 4.57 17.32
C LYS D 99 21.96 5.21 18.47
N ARG D 100 21.72 6.52 18.40
CA ARG D 100 20.90 7.21 19.38
C ARG D 100 19.42 7.24 18.99
N LEU D 101 19.13 7.25 17.69
CA LEU D 101 17.75 7.05 17.26
C LEU D 101 17.24 5.69 17.71
N LEU D 102 18.08 4.65 17.62
CA LEU D 102 17.69 3.33 18.09
C LEU D 102 17.44 3.34 19.59
N GLY D 103 18.29 4.03 20.36
CA GLY D 103 18.06 4.14 21.79
C GLY D 103 16.79 4.88 22.14
N TYR D 104 16.44 5.90 21.35
CA TYR D 104 15.16 6.58 21.54
C TYR D 104 13.98 5.69 21.18
N THR D 105 14.14 4.83 20.18
CA THR D 105 13.08 3.96 19.70
C THR D 105 12.86 2.72 20.55
N MET D 106 13.89 2.23 21.25
CA MET D 106 13.73 1.05 22.08
C MET D 106 13.11 1.35 23.44
N ALA D 107 12.64 2.57 23.68
CA ALA D 107 11.88 2.83 24.90
C ALA D 107 10.43 2.40 24.75
N PRO D 108 9.71 2.78 23.67
CA PRO D 108 8.37 2.22 23.49
C PRO D 108 8.38 0.75 23.11
N ALA D 109 9.43 0.28 22.44
CA ALA D 109 9.58 -1.13 22.12
C ALA D 109 9.77 -1.99 23.35
N LEU D 110 10.07 -1.39 24.51
CA LEU D 110 10.12 -2.13 25.76
C LEU D 110 8.77 -2.23 26.44
N LEU D 111 7.89 -1.24 26.23
CA LEU D 111 6.53 -1.34 26.74
C LEU D 111 5.67 -2.25 25.88
N VAL D 112 5.84 -2.21 24.56
CA VAL D 112 5.09 -3.07 23.66
C VAL D 112 5.59 -4.51 23.81
N ALA D 113 6.80 -4.67 24.36
CA ALA D 113 7.34 -5.99 24.64
C ALA D 113 7.05 -6.46 26.04
N ILE D 114 6.38 -5.66 26.85
CA ILE D 114 5.88 -6.10 28.15
C ILE D 114 4.41 -6.43 28.00
N LEU D 115 3.69 -5.63 27.21
CA LEU D 115 2.29 -5.95 26.92
C LEU D 115 2.16 -7.32 26.27
N VAL D 116 2.95 -7.60 25.24
CA VAL D 116 2.92 -8.91 24.59
C VAL D 116 3.46 -10.01 25.49
N ALA D 117 4.52 -9.75 26.25
CA ALA D 117 5.03 -10.75 27.18
C ALA D 117 4.03 -11.09 28.27
N TRP D 118 3.10 -10.21 28.58
CA TRP D 118 2.01 -10.50 29.50
C TRP D 118 0.86 -11.23 28.81
N LEU D 119 0.45 -10.76 27.64
CA LEU D 119 -0.59 -11.44 26.86
C LEU D 119 -0.22 -12.86 26.48
N SER D 120 1.07 -13.17 26.33
CA SER D 120 1.49 -14.51 25.95
C SER D 120 1.64 -15.45 27.12
N LEU D 121 1.88 -14.93 28.33
CA LEU D 121 2.19 -15.78 29.47
C LEU D 121 1.07 -15.88 30.48
N PHE D 122 0.21 -14.88 30.61
CA PHE D 122 -0.81 -14.89 31.65
C PHE D 122 -2.22 -14.63 31.17
N LEU D 123 -2.42 -14.29 29.90
CA LEU D 123 -3.75 -13.92 29.45
C LEU D 123 -4.26 -14.82 28.34
N ALA D 124 -3.41 -15.14 27.37
CA ALA D 124 -3.81 -16.04 26.29
C ALA D 124 -4.18 -17.43 26.79
N PRO D 125 -3.42 -18.04 27.71
CA PRO D 125 -3.83 -19.36 28.21
C PRO D 125 -5.21 -19.37 28.83
N GLN D 126 -5.57 -18.34 29.61
CA GLN D 126 -6.89 -18.33 30.24
C GLN D 126 -8.00 -18.14 29.22
N GLY D 127 -7.79 -17.26 28.23
CA GLY D 127 -8.78 -17.09 27.18
C GLY D 127 -8.98 -18.35 26.37
N ILE D 128 -7.89 -19.01 26.01
CA ILE D 128 -8.00 -20.27 25.26
C ILE D 128 -8.67 -21.34 26.12
N ASN D 129 -8.45 -21.31 27.43
CA ASN D 129 -9.08 -22.26 28.35
C ASN D 129 -10.57 -22.07 28.50
N GLN D 130 -11.04 -20.86 28.80
CA GLN D 130 -12.48 -20.65 28.84
C GLN D 130 -13.15 -20.86 27.51
N PHE D 131 -12.53 -20.49 26.41
CA PHE D 131 -13.18 -20.63 25.13
C PHE D 131 -13.46 -22.09 24.92
N ALA D 132 -12.51 -22.94 25.22
CA ALA D 132 -12.72 -24.39 25.11
C ALA D 132 -13.75 -24.88 26.08
N LEU D 133 -13.75 -24.34 27.28
CA LEU D 133 -14.69 -24.78 28.29
C LEU D 133 -16.08 -24.55 27.78
N LEU D 134 -16.31 -23.40 27.17
CA LEU D 134 -17.64 -23.08 26.64
C LEU D 134 -18.02 -24.03 25.54
N LEU D 135 -17.06 -24.46 24.72
CA LEU D 135 -17.41 -25.44 23.71
C LEU D 135 -17.86 -26.72 24.40
N ASN D 136 -17.15 -27.19 25.42
CA ASN D 136 -17.60 -28.35 26.19
C ASN D 136 -18.88 -28.08 26.98
N LYS D 137 -19.03 -26.86 27.51
CA LYS D 137 -20.28 -26.47 28.17
C LYS D 137 -21.38 -26.56 27.17
N GLN D 138 -21.12 -26.10 25.95
CA GLN D 138 -22.12 -26.21 24.88
C GLN D 138 -21.73 -27.13 23.74
N ASP D 139 -21.22 -26.59 22.64
CA ASP D 139 -20.94 -27.42 21.42
C ASP D 139 -22.11 -28.25 21.01
N THR D 140 -23.24 -27.61 20.79
CA THR D 140 -24.45 -28.31 20.40
C THR D 140 -24.78 -29.35 21.41
N LEU D 141 -24.62 -29.03 22.69
CA LEU D 141 -24.83 -30.03 23.72
C LEU D 141 -26.24 -30.52 23.56
N THR D 142 -27.13 -29.60 23.20
CA THR D 142 -28.51 -29.97 23.07
C THR D 142 -29.17 -29.77 21.71
N GLU D 143 -29.76 -30.83 21.14
CA GLU D 143 -30.57 -30.70 19.91
C GLU D 143 -29.98 -30.50 18.50
N PHE D 144 -28.66 -30.57 18.31
CA PHE D 144 -28.14 -30.30 16.97
C PHE D 144 -27.78 -31.54 16.20
N ASP D 145 -28.03 -32.71 16.76
CA ASP D 145 -27.59 -33.91 16.09
C ASP D 145 -28.24 -33.91 14.74
N THR D 146 -27.48 -34.23 13.71
CA THR D 146 -28.00 -34.21 12.35
C THR D 146 -27.46 -35.44 11.65
N PRO D 149 -34.46 -35.75 9.05
CA PRO D 149 -33.60 -34.75 8.40
C PRO D 149 -32.13 -34.88 8.77
N GLY D 150 -31.74 -36.02 9.31
CA GLY D 150 -30.36 -36.17 9.73
C GLY D 150 -29.49 -36.05 8.52
N ARG D 151 -28.53 -35.14 8.58
CA ARG D 151 -27.61 -34.95 7.47
C ARG D 151 -26.33 -35.62 7.88
N PHE D 152 -25.74 -36.38 6.97
CA PHE D 152 -24.56 -37.13 7.32
C PHE D 152 -23.46 -36.19 7.76
N GLN D 153 -22.87 -36.50 8.91
CA GLN D 153 -21.76 -35.69 9.38
C GLN D 153 -20.65 -36.61 9.88
N ALA D 154 -19.43 -36.36 9.43
CA ALA D 154 -18.30 -37.15 9.85
C ALA D 154 -17.28 -36.17 10.38
N MET D 155 -16.65 -36.49 11.51
CA MET D 155 -15.69 -35.56 12.09
C MET D 155 -14.40 -35.44 11.33
N ARG D 156 -13.75 -34.29 11.46
CA ARG D 156 -12.50 -34.09 10.76
C ARG D 156 -11.53 -35.12 11.31
N ASP D 157 -11.57 -35.36 12.61
CA ASP D 157 -10.70 -36.38 13.19
C ASP D 157 -11.07 -37.71 12.60
N GLY D 158 -12.37 -37.96 12.48
CA GLY D 158 -12.83 -39.19 11.83
C GLY D 158 -12.90 -40.34 12.77
N THR D 159 -12.39 -40.17 13.97
CA THR D 159 -12.51 -41.21 14.95
C THR D 159 -13.97 -41.29 15.25
N ARG D 160 -14.60 -40.14 15.44
CA ARG D 160 -16.00 -40.15 15.82
C ARG D 160 -16.89 -39.61 14.72
N VAL D 161 -17.93 -40.36 14.38
CA VAL D 161 -18.84 -39.91 13.34
C VAL D 161 -20.08 -39.37 14.03
N THR D 162 -20.53 -38.18 13.64
CA THR D 162 -21.66 -37.56 14.34
C THR D 162 -22.98 -37.60 13.57
N TYR D 163 -23.95 -38.37 14.05
CA TYR D 163 -25.18 -38.52 13.28
C TYR D 163 -26.40 -38.99 14.07
N THR D 164 -27.61 -38.75 13.54
CA THR D 164 -28.83 -39.23 14.16
C THR D 164 -29.75 -39.67 13.06
N GLU D 165 -30.73 -40.49 13.37
CA GLU D 165 -31.64 -41.00 12.36
C GLU D 165 -32.46 -39.89 11.67
N GLU D 166 -32.93 -38.91 12.42
CA GLU D 166 -33.76 -37.86 11.82
C GLU D 166 -33.52 -36.46 12.35
N LEU D 167 -32.24 -36.06 12.48
CA LEU D 167 -31.89 -34.70 12.94
C LEU D 167 -32.80 -34.52 14.09
N SER D 168 -32.89 -35.54 14.91
CA SER D 168 -33.85 -35.44 15.97
C SER D 168 -33.34 -34.45 16.98
N LYS D 169 -34.10 -33.39 17.19
CA LYS D 169 -33.76 -32.42 18.21
C LYS D 169 -33.91 -33.16 19.52
N ASP D 170 -34.92 -34.02 19.59
CA ASP D 170 -35.12 -34.83 20.77
C ASP D 170 -33.93 -35.71 20.95
N ARG D 171 -33.39 -36.23 19.86
CA ARG D 171 -32.17 -37.07 19.90
C ARG D 171 -32.34 -38.19 20.89
N GLY D 172 -33.55 -38.71 20.98
CA GLY D 172 -33.83 -39.75 21.93
C GLY D 172 -34.42 -40.96 21.30
N GLU D 173 -33.91 -42.14 21.65
CA GLU D 173 -34.45 -43.38 21.13
C GLU D 173 -34.49 -43.40 19.62
N LEU D 174 -33.45 -42.88 18.99
CA LEU D 174 -33.40 -42.92 17.54
C LEU D 174 -33.22 -44.36 17.12
N ALA D 175 -33.82 -44.71 15.99
CA ALA D 175 -33.68 -46.06 15.48
C ALA D 175 -32.21 -46.24 15.22
N GLY D 176 -31.56 -45.23 14.68
CA GLY D 176 -30.12 -45.30 14.51
C GLY D 176 -29.45 -44.11 15.17
N ILE D 177 -28.63 -44.36 16.17
CA ILE D 177 -27.89 -43.26 16.75
C ILE D 177 -26.53 -43.54 16.23
N PHE D 178 -25.97 -42.58 15.51
CA PHE D 178 -24.71 -42.86 14.86
C PHE D 178 -23.51 -42.19 15.48
N ILE D 179 -23.58 -41.83 16.75
CA ILE D 179 -22.37 -41.31 17.33
C ILE D 179 -21.58 -42.56 17.53
N SER D 180 -20.54 -42.72 16.72
CA SER D 180 -19.75 -43.93 16.77
C SER D 180 -18.30 -43.50 16.69
N GLN D 181 -17.50 -43.83 17.70
CA GLN D 181 -16.12 -43.36 17.75
C GLN D 181 -15.03 -44.44 17.58
N LYS D 182 -14.44 -44.57 16.39
CA LYS D 182 -13.46 -45.63 16.07
C LYS D 182 -11.99 -45.30 16.17
N ASP D 183 -11.23 -46.16 16.83
CA ASP D 183 -9.80 -45.94 16.99
C ASP D 183 -9.02 -46.57 15.83
N SER D 194 -11.45 -49.13 18.90
CA SER D 194 -12.56 -49.47 19.77
C SER D 194 -13.68 -48.46 19.59
N ILE D 195 -14.77 -48.84 18.94
CA ILE D 195 -15.79 -47.85 18.63
C ILE D 195 -17.15 -48.05 19.30
N LEU D 196 -17.70 -46.98 19.90
CA LEU D 196 -19.05 -47.08 20.46
C LEU D 196 -19.92 -47.41 19.27
N VAL D 197 -20.88 -48.31 19.42
CA VAL D 197 -21.76 -48.57 18.31
C VAL D 197 -23.07 -48.48 19.05
N ALA D 198 -24.00 -47.68 18.56
CA ALA D 198 -25.22 -47.53 19.31
C ALA D 198 -26.34 -48.15 18.53
N GLU D 199 -26.95 -49.20 19.09
CA GLU D 199 -28.10 -49.76 18.41
C GLU D 199 -29.16 -48.69 18.38
N LYS D 200 -29.34 -48.02 19.51
CA LYS D 200 -30.31 -46.94 19.62
C LYS D 200 -29.75 -46.07 20.71
N GLY D 201 -29.97 -44.76 20.66
CA GLY D 201 -29.48 -43.90 21.72
C GLY D 201 -30.49 -43.03 22.43
N THR D 202 -30.86 -43.41 23.65
CA THR D 202 -31.76 -42.57 24.44
C THR D 202 -31.00 -41.32 24.78
N GLN D 203 -31.67 -40.18 24.82
CA GLN D 203 -30.98 -38.92 25.05
C GLN D 203 -30.79 -38.66 26.55
N ASN D 204 -30.02 -39.49 27.23
CA ASN D 204 -29.76 -39.20 28.64
C ASN D 204 -28.48 -38.41 28.71
N ILE D 205 -28.55 -37.11 28.40
CA ILE D 205 -27.34 -36.28 28.31
C ILE D 205 -27.11 -35.06 29.18
N GLN D 206 -26.45 -34.07 28.59
CA GLN D 206 -26.15 -32.81 29.28
C GLN D 206 -25.29 -32.89 30.51
N ALA D 207 -24.32 -33.80 30.51
CA ALA D 207 -23.37 -33.83 31.60
C ALA D 207 -22.47 -32.62 31.39
N ASP D 208 -21.96 -32.03 32.46
CA ASP D 208 -21.15 -30.83 32.33
C ASP D 208 -19.87 -31.03 31.52
N GLY D 209 -19.17 -32.15 31.73
CA GLY D 209 -17.96 -32.42 30.98
C GLY D 209 -18.15 -32.60 29.49
N SER D 210 -19.16 -33.37 29.08
CA SER D 210 -19.49 -33.53 27.66
C SER D 210 -20.87 -34.13 27.65
N ARG D 211 -21.56 -34.12 26.51
CA ARG D 211 -22.84 -34.79 26.47
C ARG D 211 -22.58 -36.25 26.23
N TYR D 212 -23.03 -37.13 27.11
CA TYR D 212 -22.89 -38.56 26.83
C TYR D 212 -24.27 -39.15 26.99
N LEU D 213 -24.78 -39.85 25.98
CA LEU D 213 -26.16 -40.32 26.06
C LEU D 213 -26.37 -41.80 26.27
N ILE D 214 -27.23 -42.13 27.22
CA ILE D 214 -27.48 -43.53 27.52
C ILE D 214 -28.09 -44.21 26.35
N LEU D 215 -27.59 -45.38 26.00
CA LEU D 215 -28.22 -46.10 24.94
C LEU D 215 -28.97 -47.14 25.74
N HIS D 216 -30.23 -47.40 25.43
CA HIS D 216 -30.89 -48.47 26.14
C HIS D 216 -30.08 -49.67 25.75
N ASN D 217 -29.77 -49.77 24.46
CA ASN D 217 -28.92 -50.83 23.97
C ASN D 217 -27.81 -50.18 23.18
N GLY D 218 -26.57 -50.33 23.61
CA GLY D 218 -25.48 -49.79 22.83
C GLY D 218 -24.47 -50.87 22.62
N TYR D 219 -24.19 -51.23 21.39
CA TYR D 219 -23.31 -52.34 21.14
C TYR D 219 -21.94 -52.09 21.71
N ARG D 220 -21.44 -50.88 21.54
CA ARG D 220 -20.08 -50.58 21.97
C ARG D 220 -19.25 -51.66 21.30
N TYR D 221 -19.52 -51.96 20.03
CA TYR D 221 -18.81 -53.07 19.39
C TYR D 221 -17.50 -52.46 19.01
N ASP D 222 -16.49 -52.77 19.79
CA ASP D 222 -15.20 -52.15 19.58
C ASP D 222 -14.51 -52.46 18.24
N GLY D 223 -14.65 -53.70 17.75
CA GLY D 223 -13.99 -54.06 16.51
C GLY D 223 -14.47 -53.24 15.33
N ASN D 224 -13.55 -52.83 14.47
CA ASN D 224 -13.90 -51.97 13.34
C ASN D 224 -13.54 -52.57 11.99
N PRO D 225 -14.42 -52.44 11.00
CA PRO D 225 -14.18 -52.95 9.65
C PRO D 225 -13.01 -52.27 8.97
N GLY D 226 -12.59 -51.10 9.45
CA GLY D 226 -11.45 -50.42 8.89
C GLY D 226 -10.20 -51.27 8.98
N GLN D 227 -10.03 -52.00 10.08
CA GLN D 227 -8.90 -52.93 10.20
C GLN D 227 -9.35 -54.33 9.81
N ALA D 228 -10.55 -54.45 9.27
CA ALA D 228 -11.11 -55.75 8.90
C ALA D 228 -11.27 -56.66 10.10
N ASN D 229 -11.56 -56.08 11.26
CA ASN D 229 -11.67 -56.87 12.47
C ASN D 229 -12.97 -56.62 13.21
N TYR D 230 -13.60 -57.68 13.70
CA TYR D 230 -14.79 -57.50 14.52
C TYR D 230 -14.54 -58.02 15.93
N ARG D 231 -14.85 -57.22 16.96
CA ARG D 231 -14.70 -57.67 18.35
C ARG D 231 -16.07 -57.59 19.01
N ALA D 232 -16.51 -58.63 19.72
CA ALA D 232 -17.88 -58.65 20.26
C ALA D 232 -18.15 -58.01 21.63
N ILE D 233 -19.03 -57.01 21.68
CA ILE D 233 -19.41 -56.36 22.95
C ILE D 233 -20.91 -56.08 22.90
N GLN D 234 -21.57 -56.01 24.05
CA GLN D 234 -23.03 -55.76 24.10
C GLN D 234 -23.48 -54.41 24.63
N TYR D 235 -24.62 -54.34 25.31
CA TYR D 235 -25.23 -53.03 25.70
C TYR D 235 -24.46 -51.96 26.50
N ASP D 236 -24.63 -50.68 26.10
CA ASP D 236 -23.88 -49.57 26.72
C ASP D 236 -24.77 -48.39 27.08
N THR D 237 -24.37 -47.57 28.07
CA THR D 237 -25.12 -46.39 28.50
C THR D 237 -24.13 -45.23 28.58
N TYR D 238 -24.59 -43.98 28.50
CA TYR D 238 -23.69 -42.81 28.48
C TYR D 238 -22.63 -42.96 27.40
N GLY D 239 -23.06 -43.25 26.18
CA GLY D 239 -22.17 -43.51 25.06
C GLY D 239 -21.45 -42.41 24.31
N VAL D 240 -22.15 -41.34 23.95
CA VAL D 240 -21.53 -40.27 23.17
C VAL D 240 -20.25 -39.82 23.83
N MET D 241 -19.17 -39.77 23.08
CA MET D 241 -17.92 -39.26 23.62
C MET D 241 -17.86 -37.79 23.29
N LEU D 242 -16.68 -37.19 23.32
CA LEU D 242 -16.58 -35.80 22.90
C LEU D 242 -16.26 -35.68 21.44
N PRO D 243 -17.29 -35.63 20.58
CA PRO D 243 -16.92 -35.41 19.18
C PRO D 243 -16.92 -33.92 19.01
N LYS D 244 -16.02 -33.22 19.68
CA LYS D 244 -16.02 -31.76 19.64
C LYS D 244 -15.07 -31.23 18.58
N PRO D 245 -15.63 -30.73 17.46
CA PRO D 245 -14.79 -30.22 16.36
C PRO D 245 -13.97 -28.95 16.56
N GLU D 246 -14.51 -27.89 17.13
CA GLU D 246 -13.76 -26.61 17.23
C GLU D 246 -12.56 -26.65 18.15
N ALA D 247 -12.71 -27.29 19.29
CA ALA D 247 -11.59 -27.39 20.22
C ALA D 247 -10.53 -28.17 19.52
N SER D 248 -10.92 -29.24 18.84
CA SER D 248 -9.97 -30.05 18.10
C SER D 248 -9.34 -29.19 17.03
N SER D 249 -10.12 -28.30 16.43
CA SER D 249 -9.61 -27.46 15.38
C SER D 249 -8.47 -26.55 15.84
N GLU D 250 -8.61 -25.90 16.99
CA GLU D 250 -7.57 -24.95 17.40
C GLU D 250 -6.96 -25.03 18.80
N VAL D 251 -7.37 -25.99 19.63
CA VAL D 251 -6.86 -26.02 20.99
C VAL D 251 -6.40 -27.40 21.45
N SER D 252 -5.19 -27.46 21.99
CA SER D 252 -4.69 -28.71 22.54
C SER D 252 -4.50 -28.18 23.93
N GLU D 253 -4.34 -29.01 24.93
CA GLU D 253 -4.22 -28.44 26.26
C GLU D 253 -2.97 -27.56 26.31
N ARG D 254 -2.04 -27.76 25.38
CA ARG D 254 -0.78 -27.01 25.39
C ARG D 254 -1.08 -25.56 25.21
N ASP D 255 -2.22 -25.24 24.65
CA ASP D 255 -2.48 -23.86 24.39
C ASP D 255 -3.22 -23.26 25.53
N ALA D 256 -3.56 -24.07 26.52
CA ALA D 256 -4.17 -23.53 27.73
C ALA D 256 -3.41 -23.90 29.00
N VAL D 257 -2.40 -24.74 28.87
CA VAL D 257 -1.67 -25.22 30.04
C VAL D 257 -1.03 -24.02 30.65
N PRO D 258 -1.00 -23.95 31.99
CA PRO D 258 -0.36 -22.73 32.46
C PRO D 258 1.12 -22.69 32.13
N THR D 259 1.72 -21.51 32.15
CA THR D 259 3.14 -21.37 31.89
C THR D 259 3.96 -22.14 32.88
N ALA D 260 3.56 -22.12 34.15
CA ALA D 260 4.36 -22.77 35.16
C ALA D 260 4.46 -24.23 34.86
N ASP D 261 3.36 -24.83 34.46
CA ASP D 261 3.36 -26.24 34.16
C ASP D 261 4.29 -26.51 33.01
N LEU D 262 4.38 -25.59 32.05
CA LEU D 262 5.30 -25.74 30.94
C LEU D 262 6.75 -25.78 31.40
N PHE D 263 7.07 -25.02 32.45
CA PHE D 263 8.47 -24.91 32.91
C PHE D 263 9.38 -26.12 32.91
N GLY D 264 9.23 -27.02 33.88
CA GLY D 264 10.14 -28.14 34.01
C GLY D 264 9.78 -29.43 33.34
N SER D 265 8.71 -29.46 32.56
CA SER D 265 8.24 -30.70 31.96
C SER D 265 9.16 -31.34 30.97
N ASP D 266 9.06 -32.66 30.89
CA ASP D 266 9.89 -33.38 29.96
C ASP D 266 9.13 -33.77 28.72
N ASN D 267 7.84 -33.46 28.68
CA ASN D 267 7.12 -33.74 27.47
C ASN D 267 7.81 -32.81 26.51
N PRO D 268 8.16 -33.27 25.30
CA PRO D 268 8.75 -32.28 24.44
C PRO D 268 7.80 -31.14 24.20
N ARG D 269 6.51 -31.38 24.08
CA ARG D 269 5.57 -30.33 23.71
C ARG D 269 5.53 -29.25 24.70
N TYR D 270 5.57 -29.61 25.95
CA TYR D 270 5.60 -28.63 26.98
C TYR D 270 6.90 -27.83 26.93
N GLN D 271 8.05 -28.43 26.65
CA GLN D 271 9.29 -27.69 26.52
C GLN D 271 9.28 -26.73 25.35
N ALA D 272 8.82 -27.15 24.18
CA ALA D 272 8.70 -26.27 23.00
C ALA D 272 7.70 -25.18 23.16
N GLU D 273 6.61 -25.40 23.85
CA GLU D 273 5.71 -24.32 24.08
C GLU D 273 6.32 -23.22 24.91
N LEU D 274 7.13 -23.49 25.92
CA LEU D 274 7.70 -22.37 26.65
C LEU D 274 8.50 -21.56 25.71
N GLN D 275 9.25 -22.18 24.83
CA GLN D 275 9.98 -21.47 23.81
C GLN D 275 9.12 -20.71 22.84
N TRP D 276 7.99 -21.23 22.41
CA TRP D 276 7.07 -20.43 21.59
C TRP D 276 6.46 -19.27 22.35
N ARG D 277 6.13 -19.44 23.61
CA ARG D 277 5.52 -18.39 24.39
C ARG D 277 6.41 -17.22 24.65
N LEU D 278 7.69 -17.45 24.86
CA LEU D 278 8.66 -16.40 25.13
C LEU D 278 9.40 -16.07 23.86
N SER D 279 8.74 -16.20 22.73
CA SER D 279 9.35 -15.93 21.48
C SER D 279 8.62 -14.79 20.93
N THR D 280 7.70 -14.20 21.64
CA THR D 280 7.06 -13.03 21.05
C THR D 280 7.52 -11.78 21.75
N PRO D 281 7.90 -11.91 23.00
CA PRO D 281 8.44 -10.69 23.50
C PRO D 281 9.65 -10.35 22.66
N LEU D 282 10.49 -11.30 22.33
CA LEU D 282 11.72 -11.10 21.55
C LEU D 282 11.49 -10.68 20.16
N LEU D 283 10.35 -10.96 19.60
CA LEU D 283 10.06 -10.47 18.27
C LEU D 283 9.92 -8.96 18.30
N VAL D 284 9.43 -8.37 19.37
CA VAL D 284 9.21 -6.96 19.35
C VAL D 284 10.52 -6.27 19.20
N PHE D 285 11.55 -6.72 19.89
CA PHE D 285 12.88 -6.13 19.78
C PHE D 285 13.60 -6.31 18.46
N VAL D 286 13.54 -7.46 17.87
CA VAL D 286 14.19 -7.69 16.62
C VAL D 286 13.55 -6.83 15.58
N VAL D 287 12.23 -6.65 15.63
CA VAL D 287 11.49 -5.82 14.67
C VAL D 287 11.85 -4.34 14.70
N THR D 288 12.13 -3.74 15.85
CA THR D 288 12.59 -2.38 15.89
C THR D 288 13.91 -2.24 15.16
N LEU D 289 14.85 -3.16 15.30
CA LEU D 289 16.15 -3.04 14.69
C LEU D 289 16.01 -3.07 13.23
N LEU D 290 14.96 -3.66 12.73
CA LEU D 290 14.71 -3.71 11.30
C LEU D 290 13.87 -2.56 10.79
N ALA D 291 13.24 -1.78 11.67
CA ALA D 291 12.43 -0.63 11.28
C ALA D 291 13.08 0.72 11.39
N VAL D 292 13.98 0.94 12.30
CA VAL D 292 14.73 2.17 12.34
C VAL D 292 15.60 2.31 11.09
N PRO D 293 16.33 1.28 10.64
CA PRO D 293 17.08 1.38 9.37
C PRO D 293 16.32 1.52 8.09
N LEU D 294 15.18 0.88 7.95
CA LEU D 294 14.37 0.92 6.74
C LEU D 294 13.34 2.01 6.69
N SER D 295 13.18 2.78 7.74
CA SER D 295 12.23 3.84 7.77
C SER D 295 12.58 4.93 6.85
N ARG D 296 13.84 5.11 6.52
CA ARG D 296 14.29 6.22 5.70
C ARG D 296 13.70 6.28 4.34
N VAL D 297 13.21 7.44 3.93
CA VAL D 297 12.57 7.57 2.66
C VAL D 297 12.90 8.84 1.90
N ASN D 298 12.98 8.77 0.57
CA ASN D 298 13.20 9.95 -0.27
C ASN D 298 11.87 10.56 -0.36
N PRO D 299 11.78 11.81 -0.75
CA PRO D 299 10.42 12.31 -0.87
C PRO D 299 9.63 11.54 -1.90
N ARG D 300 10.25 11.09 -2.99
CA ARG D 300 9.56 10.28 -3.96
C ARG D 300 9.05 8.91 -3.48
N GLN D 301 9.83 8.12 -2.75
CA GLN D 301 9.33 6.83 -2.36
C GLN D 301 8.17 6.89 -1.42
N GLY D 302 8.21 7.74 -0.42
CA GLY D 302 7.07 7.88 0.44
C GLY D 302 7.05 6.99 1.64
N ARG D 303 6.20 7.29 2.62
CA ARG D 303 6.12 6.51 3.83
C ARG D 303 5.66 5.16 3.46
N PHE D 304 4.71 5.04 2.54
CA PHE D 304 4.06 3.78 2.19
C PHE D 304 4.62 2.71 1.29
N LEU D 305 5.69 2.94 0.58
CA LEU D 305 6.12 1.92 -0.34
C LEU D 305 6.54 0.68 0.31
N LYS D 306 7.22 0.77 1.43
CA LYS D 306 7.75 -0.43 2.04
C LYS D 306 6.86 -1.07 3.07
N LEU D 307 5.69 -0.51 3.36
CA LEU D 307 4.85 -1.08 4.40
C LEU D 307 4.45 -2.46 3.98
N LEU D 308 4.09 -2.68 2.72
CA LEU D 308 3.78 -4.02 2.24
C LEU D 308 4.91 -5.03 2.17
N PRO D 309 6.09 -4.64 1.73
CA PRO D 309 7.15 -5.64 1.77
C PRO D 309 7.45 -6.06 3.18
N ALA D 310 7.32 -5.17 4.15
CA ALA D 310 7.52 -5.50 5.55
C ALA D 310 6.55 -6.55 6.04
N ILE D 311 5.29 -6.48 5.65
CA ILE D 311 4.32 -7.41 6.16
C ILE D 311 4.70 -8.79 5.75
N LEU D 312 5.18 -8.97 4.55
CA LEU D 312 5.63 -10.28 4.09
C LEU D 312 6.79 -10.80 4.88
N LEU D 313 7.74 -9.96 5.25
CA LEU D 313 8.84 -10.36 6.12
C LEU D 313 8.39 -10.73 7.52
N TYR D 314 7.42 -10.03 8.08
CA TYR D 314 6.92 -10.42 9.38
C TYR D 314 6.28 -11.77 9.28
N MET D 315 5.50 -12.03 8.26
CA MET D 315 4.81 -13.29 8.11
C MET D 315 5.80 -14.38 7.95
N GLY D 316 6.87 -14.15 7.24
CA GLY D 316 7.92 -15.14 7.14
C GLY D 316 8.53 -15.43 8.49
N TYR D 317 8.63 -14.46 9.38
CA TYR D 317 9.17 -14.65 10.72
C TYR D 317 8.28 -15.55 11.50
N LEU D 318 7.00 -15.28 11.50
CA LEU D 318 6.08 -16.09 12.23
C LEU D 318 6.04 -17.52 11.70
N ALA D 319 5.98 -17.73 10.40
CA ALA D 319 5.98 -19.06 9.83
C ALA D 319 7.25 -19.85 9.95
N LEU D 320 8.42 -19.24 9.82
CA LEU D 320 9.61 -20.03 10.02
C LEU D 320 9.65 -20.56 11.42
N LEU D 321 9.28 -19.77 12.41
CA LEU D 321 9.26 -20.21 13.79
C LEU D 321 8.26 -21.30 14.05
N ILE D 322 7.08 -21.22 13.45
CA ILE D 322 6.03 -22.23 13.64
C ILE D 322 6.49 -23.55 13.12
N ALA D 323 7.15 -23.54 11.99
CA ALA D 323 7.64 -24.74 11.43
C ALA D 323 8.68 -25.38 12.28
N VAL D 324 9.60 -24.63 12.84
CA VAL D 324 10.58 -25.19 13.75
C VAL D 324 10.00 -25.66 15.07
N ARG D 325 8.92 -25.06 15.56
CA ARG D 325 8.32 -25.56 16.79
C ARG D 325 7.87 -26.97 16.53
N GLY D 326 7.25 -27.21 15.40
CA GLY D 326 6.77 -28.53 15.14
C GLY D 326 7.89 -29.52 15.08
N GLN D 327 9.00 -29.18 14.45
CA GLN D 327 10.15 -30.07 14.37
C GLN D 327 10.70 -30.33 15.73
N LEU D 328 10.67 -29.37 16.65
CA LEU D 328 11.13 -29.62 18.03
C LEU D 328 10.28 -30.62 18.81
N ASP D 329 8.98 -30.63 18.63
CA ASP D 329 8.16 -31.62 19.31
C ASP D 329 8.06 -32.96 18.59
N LYS D 330 8.56 -33.05 17.37
CA LYS D 330 8.54 -34.29 16.60
C LYS D 330 9.84 -34.98 16.88
N GLY D 331 10.69 -34.37 17.68
CA GLY D 331 11.96 -34.95 18.05
C GLY D 331 13.11 -34.63 17.13
N LYS D 332 12.83 -33.97 16.03
CA LYS D 332 13.88 -33.69 15.06
C LYS D 332 15.02 -32.70 15.38
N ILE D 333 14.73 -31.62 16.08
CA ILE D 333 15.75 -30.63 16.39
C ILE D 333 15.92 -30.59 17.90
N PRO D 334 17.16 -30.62 18.40
CA PRO D 334 17.34 -30.69 19.85
C PRO D 334 16.71 -29.50 20.49
N MET D 335 16.13 -29.66 21.68
CA MET D 335 15.41 -28.55 22.30
C MET D 335 16.35 -27.42 22.54
N ALA D 336 17.54 -27.75 22.98
CA ALA D 336 18.48 -26.71 23.33
C ALA D 336 18.61 -25.69 22.22
N ILE D 337 18.83 -26.13 20.99
CA ILE D 337 19.03 -25.17 19.92
C ILE D 337 17.78 -24.37 19.76
N GLY D 338 16.62 -25.00 19.75
CA GLY D 338 15.37 -24.26 19.76
C GLY D 338 14.95 -23.38 18.64
N LEU D 339 14.12 -22.41 18.95
CA LEU D 339 13.63 -21.49 17.98
C LEU D 339 14.63 -20.42 17.97
N TRP D 340 15.65 -20.55 18.80
CA TRP D 340 16.62 -19.49 18.96
C TRP D 340 17.34 -19.13 17.71
N TRP D 341 17.62 -20.11 16.88
CA TRP D 341 18.26 -19.81 15.63
C TRP D 341 17.40 -18.93 14.74
N VAL D 342 16.09 -19.09 14.69
CA VAL D 342 15.31 -18.30 13.77
C VAL D 342 15.45 -16.85 14.10
N HIS D 343 15.46 -16.50 15.38
CA HIS D 343 15.58 -15.10 15.80
C HIS D 343 16.92 -14.60 15.34
N GLY D 344 17.91 -15.46 15.32
CA GLY D 344 19.24 -15.07 14.91
C GLY D 344 19.27 -14.62 13.50
N LEU D 345 18.61 -15.33 12.59
CA LEU D 345 18.68 -14.98 11.19
C LEU D 345 18.06 -13.64 11.03
N PHE D 346 16.96 -13.37 11.70
CA PHE D 346 16.39 -12.04 11.67
C PHE D 346 17.21 -10.94 12.35
N LEU D 347 17.90 -11.23 13.44
CA LEU D 347 18.76 -10.23 14.02
C LEU D 347 19.89 -9.91 13.11
N ALA D 348 20.51 -10.87 12.46
CA ALA D 348 21.54 -10.59 11.45
C ALA D 348 21.08 -9.87 10.20
N ILE D 349 19.91 -10.18 9.66
CA ILE D 349 19.39 -9.44 8.54
C ILE D 349 19.23 -8.04 9.05
N GLY D 350 18.74 -7.88 10.26
CA GLY D 350 18.63 -6.56 10.85
C GLY D 350 19.91 -5.82 11.12
N LEU D 351 20.95 -6.45 11.60
CA LEU D 351 22.22 -5.78 11.80
C LEU D 351 22.80 -5.35 10.51
N LEU D 352 22.69 -6.16 9.50
CA LEU D 352 23.23 -5.82 8.22
C LEU D 352 22.55 -4.64 7.62
N LEU D 353 21.25 -4.54 7.73
CA LEU D 353 20.61 -3.33 7.22
C LEU D 353 21.12 -2.13 8.02
N PHE D 354 21.31 -2.26 9.32
CA PHE D 354 21.75 -1.14 10.13
C PHE D 354 23.11 -0.64 9.80
N TYR D 355 24.10 -1.52 9.79
CA TYR D 355 25.46 -1.07 9.58
C TYR D 355 25.85 -1.16 8.14
N TRP D 356 24.90 -1.18 7.22
CA TRP D 356 25.35 -1.18 5.85
C TRP D 356 26.03 0.11 5.57
N GLU D 357 25.41 1.22 5.94
CA GLU D 357 25.98 2.50 5.58
C GLU D 357 27.28 2.84 6.21
N PRO D 358 27.43 2.64 7.50
CA PRO D 358 28.75 2.93 7.99
C PRO D 358 29.77 2.04 7.35
N LEU D 359 29.43 0.80 7.07
CA LEU D 359 30.43 -0.09 6.53
C LEU D 359 30.87 0.42 5.19
N ARG D 360 29.93 0.88 4.38
CA ARG D 360 30.29 1.28 3.05
C ARG D 360 31.25 2.41 3.12
N LEU D 361 30.97 3.37 3.98
CA LEU D 361 31.82 4.52 4.11
C LEU D 361 33.19 4.14 4.64
N LYS D 362 33.26 3.22 5.59
CA LYS D 362 34.54 2.79 6.12
C LYS D 362 35.34 2.09 5.06
N LEU D 363 34.69 1.32 4.20
CA LEU D 363 35.42 0.70 3.11
C LEU D 363 36.02 1.83 2.31
N ALA D 364 35.27 2.92 2.16
CA ALA D 364 35.77 4.08 1.42
C ALA D 364 37.01 4.65 2.04
N SER D 365 37.07 4.68 3.36
CA SER D 365 38.22 5.30 3.98
C SER D 365 39.45 4.56 3.59
N SER D 366 39.37 3.24 3.55
CA SER D 366 40.52 2.43 3.15
C SER D 366 40.95 2.58 1.70
N ARG D 367 40.00 2.66 0.79
CA ARG D 367 40.32 2.82 -0.62
C ARG D 367 41.05 4.13 -0.87
N ALA D 368 40.87 5.12 -0.01
CA ALA D 368 41.55 6.40 -0.14
C ALA D 368 43.01 6.29 0.30
P 3PE E . 9.67 -32.61 5.55
N 3PE E . 8.84 -36.84 5.33
O11 3PE E . 8.29 -31.79 5.59
O12 3PE E . 10.11 -32.69 4.11
O13 3PE E . 9.24 -34.08 6.02
O14 3PE E . 10.60 -32.04 6.60
C11 3PE E . 7.94 -34.58 5.72
C12 3PE E . 8.04 -35.74 4.73
C1 3PE E . 8.07 -30.76 6.55
C2 3PE E . 7.25 -29.66 5.87
C3 3PE E . 6.63 -28.73 6.91
O31 3PE E . 5.81 -27.78 6.24
O32 3PE E . 5.47 -25.81 7.40
C31 3PE E . 6.02 -26.35 6.46
C32 3PE E . 6.90 -25.57 5.51
C33 3PE E . 7.11 -24.17 6.09
C34 3PE E . 8.05 -23.35 5.20
C35 3PE E . 8.26 -21.98 5.81
C36 3PE E . 9.14 -21.12 4.91
C37 3PE E . 9.36 -19.75 5.56
C38 3PE E . 10.26 -18.86 4.72
C39 3PE E . 10.56 -17.58 5.49
C3A 3PE E . 11.36 -16.59 4.66
C3B 3PE E . 11.60 -15.31 5.44
C3C 3PE E . 12.29 -14.26 4.58
O21 3PE E . 8.05 -28.91 4.96
O22 3PE E . 9.50 -27.79 6.38
C21 3PE E . 9.37 -28.54 5.43
C22 3PE E . 10.61 -29.07 4.72
C23 3PE E . 10.58 -28.70 3.25
C24 3PE E . 10.78 -27.22 3.00
C25 3PE E . 10.93 -26.95 1.51
C26 3PE E . 11.17 -25.47 1.20
C27 3PE E . 9.99 -24.62 1.63
C28 3PE E . 10.02 -23.25 0.98
C29 3PE E . 8.72 -22.50 1.26
C2A 3PE E . 8.66 -21.19 0.48
C2B 3PE E . 9.83 -20.29 0.84
P 3PE F . 6.57 -5.43 -20.85
N 3PE F . 4.58 -3.00 -24.80
O11 3PE F . 5.63 -5.51 -19.55
O12 3PE F . 7.36 -4.16 -20.79
O13 3PE F . 5.52 -5.32 -22.06
O14 3PE F . 7.28 -6.76 -20.98
C11 3PE F . 5.30 -4.06 -22.70
C12 3PE F . 4.76 -4.30 -24.11
C1 3PE F . 6.13 -5.10 -18.27
C2 3PE F . 6.05 -6.27 -17.29
C3 3PE F . 6.36 -5.76 -15.89
O31 3PE F . 6.38 -6.84 -14.96
O32 3PE F . 7.49 -5.56 -13.38
C31 3PE F . 7.02 -6.66 -13.66
C32 3PE F . 7.13 -7.79 -12.68
C33 3PE F . 5.75 -8.15 -12.17
C34 3PE F . 5.16 -9.35 -12.89
C35 3PE F . 5.85 -10.64 -12.47
C36 3PE F . 5.03 -11.85 -12.93
C37 3PE F . 5.55 -13.14 -12.30
C38 3PE F . 4.53 -14.26 -12.40
C39 3PE F . 5.04 -15.50 -11.70
C3A 3PE F . 3.95 -16.56 -11.51
C3B 3PE F . 3.32 -17.00 -12.82
C3C 3PE F . 2.47 -18.24 -12.62
C3D 3PE F . 1.83 -18.71 -13.92
C3E 3PE F . 1.21 -20.09 -13.74
C3F 3PE F . 0.51 -20.58 -15.00
C3G 3PE F . 0.04 -22.02 -14.83
C3H 3PE F . -0.70 -22.53 -16.07
C3I 3PE F . -1.14 -23.96 -15.88
O21 3PE F . 4.76 -6.85 -17.30
O22 3PE F . 4.35 -8.22 -19.11
C21 3PE F . 4.77 -8.14 -17.97
C22 3PE F . 5.33 -9.34 -17.25
C23 3PE F . 4.30 -9.87 -16.26
C24 3PE F . 3.33 -10.82 -16.95
C25 3PE F . 2.45 -11.51 -15.94
C26 3PE F . 1.88 -12.80 -16.52
C27 3PE F . 1.13 -13.59 -15.44
C28 3PE F . -0.23 -12.97 -15.15
C29 3PE F . -1.16 -13.18 -16.33
C2A 3PE F . -1.46 -14.67 -16.52
C2B 3PE F . -2.09 -15.23 -15.25
C2C 3PE F . -2.16 -16.76 -15.29
C2D 3PE F . -3.19 -17.28 -16.25
C2E 3PE F . -3.45 -18.76 -15.95
C2F 3PE F . -4.46 -19.37 -16.92
C2G 3PE F . -3.82 -19.62 -18.28
C2H 3PE F . -4.79 -20.35 -19.19
C2I 3PE F . -4.13 -20.74 -20.50
P 3PE G . -10.66 15.16 -2.50
O11 3PE G . -9.75 14.87 -1.21
O12 3PE G . -9.73 15.48 -3.65
O13 3PE G . -11.44 16.51 -2.10
O14 3PE G . -11.66 14.05 -2.62
C1 3PE G . -10.37 14.46 0.00
C2 3PE G . -9.87 13.08 0.39
C3 3PE G . -8.50 13.21 1.03
O31 3PE G . -8.20 12.00 1.75
O32 3PE G . -6.38 11.18 0.60
C31 3PE G . -7.46 10.93 1.11
C32 3PE G . -8.01 9.53 1.11
C33 3PE G . -7.21 8.66 0.16
C34 3PE G . -7.95 7.37 -0.15
C35 3PE G . -8.18 6.59 1.14
C36 3PE G . -9.12 5.40 0.90
C37 3PE G . -9.17 4.54 2.15
C38 3PE G . -10.25 3.48 2.05
C39 3PE G . -10.28 2.64 3.31
C3A 3PE G . -11.52 1.74 3.33
C3B 3PE G . -11.64 1.06 4.69
C3C 3PE G . -12.99 0.36 4.80
O21 3PE G . -10.78 12.50 1.31
O22 3PE G . -12.24 11.77 -0.33
C21 3PE G . -11.60 11.48 0.66
C22 3PE G . -11.64 10.09 1.23
C23 3PE G . -12.48 9.19 0.33
C24 3PE G . -12.46 7.76 0.87
C25 3PE G . -13.33 6.84 0.01
C26 3PE G . -13.19 5.41 0.51
C27 3PE G . -14.08 4.46 -0.29
C28 3PE G . -13.83 3.03 0.16
C29 3PE G . -14.70 2.05 -0.60
C2A 3PE G . -14.60 0.67 0.02
C2B 3PE G . -15.54 -0.31 -0.66
C2C 3PE G . -15.66 -1.58 0.17
C2D 3PE G . -16.75 -2.47 -0.39
C2E 3PE G . -17.08 -3.59 0.59
C2F 3PE G . -17.54 -3.00 1.92
P 3PE H . -2.05 11.20 4.61
O11 3PE H . -2.29 9.60 4.62
O12 3PE H . -2.67 11.77 5.86
O13 3PE H . -0.45 11.32 4.73
O14 3PE H . -2.46 11.73 3.26
C11 3PE H . 0.38 10.99 3.61
C1 3PE H . -3.28 9.04 5.49
C2 3PE H . -3.11 7.52 5.54
C3 3PE H . -3.20 6.96 4.12
O31 3PE H . -4.56 6.89 3.73
O32 3PE H . -5.38 4.79 3.20
C31 3PE H . -5.33 5.69 4.03
C32 3PE H . -6.02 5.58 5.36
C33 3PE H . -6.90 4.34 5.43
C34 3PE H . -7.40 4.16 6.85
C35 3PE H . -8.65 3.30 6.89
C36 3PE H . -9.05 3.04 8.34
C37 3PE H . -10.46 2.46 8.45
C38 3PE H . -10.70 1.92 9.85
C39 3PE H . -12.12 1.41 10.01
C3A 3PE H . -12.44 0.36 8.94
C3B 3PE H . -11.47 -0.80 8.98
C3C 3PE H . -11.63 -1.66 7.73
C3D 3PE H . -10.52 -2.70 7.64
O21 3PE H . -1.83 7.23 6.09
O22 3PE H . -1.46 7.27 8.36
C21 3PE H . -1.94 6.66 7.42
C22 3PE H . -2.67 5.36 7.65
C23 3PE H . -2.62 5.02 9.13
C24 3PE H . -3.78 4.11 9.57
C25 3PE H . -3.52 2.63 9.36
C26 3PE H . -3.85 2.18 7.94
C27 3PE H . -3.89 0.66 7.87
C28 3PE H . -2.58 0.04 8.32
C29 3PE H . -2.70 -1.48 8.32
C2A 3PE H . -3.01 -1.98 6.93
C2B 3PE H . -3.28 -3.48 6.92
C2C 3PE H . -3.51 -3.99 5.50
C2D 3PE H . -3.97 -5.44 5.50
C2E 3PE H . -2.91 -6.37 6.06
C2F 3PE H . -3.40 -7.81 6.01
C2G 3PE H . -2.34 -8.79 6.51
C2H 3PE H . -2.01 -8.55 7.97
C2I 3PE H . -1.01 -9.58 8.47
#